data_8QY7
#
_entry.id   8QY7
#
_cell.length_a   1.00
_cell.length_b   1.00
_cell.length_c   1.00
_cell.angle_alpha   90.00
_cell.angle_beta   90.00
_cell.angle_gamma   90.00
#
_symmetry.space_group_name_H-M   'P 1'
#
_entity_poly.entity_id   1
_entity_poly.type   'polypeptide(L)'
_entity_poly.pdbx_seq_one_letter_code
;MLKRLLSKLTGNRQQIEHHLKNQYQVEENGLSFPLSLVDDSQLWALASWLEQLAEEDYLISLTDRWLLSWEALYRLLEDE
EHASSLPLIGVPDILPLRASLSSRGALSDSDFRVWIAEWATFPARKPIRFSRTGAILTHDNQQYLLSRENWALLQATEQL
SAQQIQTPGETTNQLGWAAIRKCAKLAAAKFDDYLEKTHVIKPTSLSLRLRKATVADTAVIEIEPHFEDQPANWLGSFDK
NLQVHDSYRIPGENGELSHVIIPPEVKEVLNSIHSIPGRRVAGSEALSFVRNPYTFLGEDAASVIAPEEHEQALFDARIF
FHHFRLIPQLNTENKITEVTLILEPVSPVPQPEITFVFSAPWELDKFIQQLGISVAAQMPAGSWQGYELELSQFTEQQWH
DCQALLTRWQQEIEGKEFSDVLDIAKYGDRVIGIGEFEKISSPWLTKAQSENWLPDGIDFSAFSIETLSGWQPENPLHFD
ELQEIITQAEAAGETYITTPWNDSQLPLDAAKTFSKNWEKQQITANEYQGNVADKTARAVLKIEQNIEETAYIKQRRNSL
LNARHAEPEIPLSLKEHIRLKDHQREGVAWLQQLFLRSPEETAGCLLADDMGLGKTLQILSFLVWFIEKFPQEPPNLIVA
PVSLLDNWERELNNFFYTAGIPVLKLYGETIKAVKYPKQAIPAHLQSKGIKNLLKPGWQGEAKIILTTYETLRDQEFSLA
RQPWSIMVCDEAQKIKNPAALITHAANAVQARFKVACTGTPVENTLVDLWSLFDFAQPGLLGALNEFGKQYVRPIENEDG
RDTERLESLRALIEPQTLRRTKEEVARDLPQKIEVESCKQLTLSGVQKQLYLSSVANWQQQQALREGMQQAGTGMLGLLH
RLKLICAHPAIVNPEPRFRDNSPKLNWLLKILAEIKHTSKDKVIIFTELRDLQRELQHAIHQNFGFRPVIINGDSSTKSQ
SQNSRQRLIDDFQAQPGFGVIILSTVAVGFGVNVQKANHVIHFTRCWNPAKEDQATDRAYRIGQTKNVYVYYPTVRDTEI
TTFEETLDDLLQRRRALARDMLCATPDLNCADFETILKGA
;
_entity_poly.pdbx_strand_id   A
#
# COMPACT_ATOMS: atom_id res chain seq x y z
N LYS A 21 0.82 5.35 -42.47
CA LYS A 21 0.51 6.70 -42.06
C LYS A 21 0.40 6.81 -40.54
N ASN A 22 1.38 7.46 -39.93
CA ASN A 22 1.33 7.69 -38.49
C ASN A 22 0.22 8.67 -38.16
N GLN A 23 -0.55 8.35 -37.12
CA GLN A 23 -1.65 9.20 -36.70
C GLN A 23 -1.24 10.22 -35.65
N TYR A 24 0.01 10.22 -35.22
CA TYR A 24 0.49 11.19 -34.24
C TYR A 24 1.38 12.23 -34.91
N GLN A 25 1.45 13.40 -34.29
CA GLN A 25 2.34 14.47 -34.71
C GLN A 25 3.46 14.59 -33.68
N VAL A 26 4.69 14.46 -34.13
CA VAL A 26 5.85 14.59 -33.25
C VAL A 26 6.09 16.07 -32.95
N GLU A 27 6.19 16.41 -31.67
CA GLU A 27 6.50 17.77 -31.29
C GLU A 27 7.43 17.78 -30.08
N GLU A 28 7.67 18.96 -29.50
CA GLU A 28 8.71 19.11 -28.49
C GLU A 28 8.30 18.57 -27.12
N ASN A 29 7.02 18.25 -26.92
CA ASN A 29 6.56 17.78 -25.61
C ASN A 29 6.03 16.36 -25.62
N GLY A 30 5.84 15.74 -26.77
CA GLY A 30 5.37 14.37 -26.82
C GLY A 30 4.72 14.07 -28.16
N LEU A 31 3.89 13.03 -28.15
CA LEU A 31 3.10 12.64 -29.32
C LEU A 31 1.75 13.33 -29.26
N SER A 32 1.30 13.82 -30.42
CA SER A 32 0.08 14.61 -30.52
C SER A 32 -0.96 13.85 -31.32
N PHE A 33 -2.15 13.70 -30.74
CA PHE A 33 -3.27 13.04 -31.40
C PHE A 33 -4.45 13.99 -31.46
N PRO A 34 -5.04 14.20 -32.63
CA PRO A 34 -6.18 15.12 -32.71
C PRO A 34 -7.42 14.55 -32.02
N LEU A 35 -8.25 15.46 -31.52
CA LEU A 35 -9.49 15.06 -30.88
C LEU A 35 -10.53 14.57 -31.88
N SER A 36 -10.27 14.71 -33.18
CA SER A 36 -11.21 14.33 -34.22
C SER A 36 -11.08 12.88 -34.65
N LEU A 37 -10.14 12.11 -34.09
CA LEU A 37 -10.04 10.70 -34.44
C LEU A 37 -11.24 9.91 -33.96
N VAL A 38 -11.95 10.42 -32.94
CA VAL A 38 -13.16 9.77 -32.48
C VAL A 38 -14.24 9.81 -33.56
N ASP A 39 -14.34 10.92 -34.29
CA ASP A 39 -15.31 11.05 -35.37
C ASP A 39 -14.98 10.18 -36.57
N ASP A 40 -13.78 9.60 -36.64
CA ASP A 40 -13.41 8.75 -37.75
C ASP A 40 -13.95 7.34 -37.52
N SER A 41 -14.39 6.71 -38.62
CA SER A 41 -15.05 5.41 -38.51
C SER A 41 -14.11 4.23 -38.69
N GLN A 42 -13.07 4.35 -39.52
CA GLN A 42 -12.18 3.23 -39.76
C GLN A 42 -11.07 3.11 -38.72
N LEU A 43 -11.00 4.05 -37.77
CA LEU A 43 -10.01 3.97 -36.71
C LEU A 43 -10.70 3.91 -35.35
N TRP A 44 -11.71 3.06 -35.23
CA TRP A 44 -12.44 2.93 -33.97
C TRP A 44 -11.53 2.43 -32.85
N ALA A 45 -10.66 1.47 -33.16
CA ALA A 45 -9.78 0.91 -32.13
C ALA A 45 -8.82 1.96 -31.61
N LEU A 46 -8.22 2.75 -32.51
CA LEU A 46 -7.28 3.78 -32.08
C LEU A 46 -7.96 4.85 -31.25
N ALA A 47 -9.13 5.33 -31.68
CA ALA A 47 -9.85 6.34 -30.92
C ALA A 47 -10.27 5.81 -29.55
N SER A 48 -10.73 4.57 -29.50
CA SER A 48 -11.12 3.97 -28.23
C SER A 48 -9.91 3.85 -27.31
N TRP A 49 -8.75 3.47 -27.84
CA TRP A 49 -7.56 3.37 -27.02
C TRP A 49 -7.10 4.74 -26.52
N LEU A 50 -7.25 5.77 -27.36
CA LEU A 50 -6.92 7.12 -26.88
C LEU A 50 -7.86 7.56 -25.77
N GLU A 51 -9.15 7.21 -25.87
CA GLU A 51 -10.06 7.49 -24.76
C GLU A 51 -9.64 6.72 -23.50
N GLN A 52 -9.21 5.47 -23.67
CA GLN A 52 -8.73 4.69 -22.52
C GLN A 52 -7.52 5.35 -21.87
N LEU A 53 -6.56 5.80 -22.69
CA LEU A 53 -5.36 6.44 -22.16
C LEU A 53 -5.69 7.76 -21.48
N ALA A 54 -6.62 8.53 -22.06
CA ALA A 54 -7.05 9.77 -21.43
C ALA A 54 -7.70 9.51 -20.08
N GLU A 55 -8.53 8.46 -20.01
CA GLU A 55 -9.14 8.10 -18.73
C GLU A 55 -8.11 7.60 -17.73
N GLU A 56 -7.07 6.91 -18.21
CA GLU A 56 -6.03 6.36 -17.34
C GLU A 56 -4.89 7.33 -17.09
N ASP A 57 -5.04 8.60 -17.47
CA ASP A 57 -4.06 9.66 -17.21
C ASP A 57 -2.76 9.42 -17.97
N TYR A 58 -2.87 8.96 -19.21
CA TYR A 58 -1.71 8.92 -20.10
C TYR A 58 -1.70 10.04 -21.12
N LEU A 59 -2.87 10.59 -21.46
CA LEU A 59 -2.98 11.67 -22.42
C LEU A 59 -3.44 12.95 -21.74
N ILE A 60 -3.04 14.08 -22.29
CA ILE A 60 -3.38 15.40 -21.78
C ILE A 60 -4.14 16.15 -22.86
N SER A 61 -5.31 16.69 -22.51
CA SER A 61 -6.12 17.43 -23.45
C SER A 61 -5.65 18.88 -23.50
N LEU A 62 -5.44 19.40 -24.71
CA LEU A 62 -4.94 20.75 -24.92
C LEU A 62 -5.95 21.62 -25.67
N THR A 63 -7.23 21.26 -25.58
CA THR A 63 -8.37 22.01 -26.14
C THR A 63 -8.47 21.82 -27.65
N ASP A 64 -7.47 21.20 -28.27
CA ASP A 64 -7.61 20.80 -29.68
C ASP A 64 -7.10 19.40 -29.96
N ARG A 65 -6.43 18.73 -29.04
CA ARG A 65 -5.70 17.51 -29.33
C ARG A 65 -5.18 16.92 -28.03
N TRP A 66 -4.94 15.61 -28.04
CA TRP A 66 -4.31 14.95 -26.90
C TRP A 66 -2.80 15.02 -27.02
N LEU A 67 -2.14 15.05 -25.87
CA LEU A 67 -0.69 15.00 -25.79
C LEU A 67 -0.27 13.78 -24.99
N LEU A 68 0.62 12.97 -25.57
CA LEU A 68 1.26 11.86 -24.86
C LEU A 68 2.70 12.30 -24.60
N SER A 69 2.92 12.85 -23.41
CA SER A 69 4.23 13.39 -23.06
C SER A 69 5.26 12.27 -23.03
N TRP A 70 6.54 12.67 -23.09
CA TRP A 70 7.61 11.69 -23.16
C TRP A 70 7.67 10.82 -21.92
N GLU A 71 7.51 11.42 -20.73
CA GLU A 71 7.44 10.61 -19.52
C GLU A 71 6.25 9.66 -19.55
N ALA A 72 5.09 10.17 -20.00
CA ALA A 72 3.92 9.32 -20.16
C ALA A 72 4.16 8.25 -21.22
N LEU A 73 4.86 8.61 -22.30
CA LEU A 73 5.15 7.64 -23.36
C LEU A 73 6.02 6.49 -22.84
N TYR A 74 7.07 6.81 -22.08
CA TYR A 74 7.94 5.78 -21.56
C TYR A 74 7.19 4.99 -20.52
N ARG A 75 6.43 5.59 -19.63
CA ARG A 75 5.63 4.82 -18.67
C ARG A 75 4.65 3.90 -19.37
N LEU A 76 4.06 4.35 -20.48
CA LEU A 76 3.14 3.52 -21.25
C LEU A 76 3.87 2.35 -21.92
N LEU A 77 5.07 2.60 -22.44
CA LEU A 77 5.84 1.52 -23.05
C LEU A 77 6.21 0.46 -22.04
N GLU A 78 6.51 0.85 -20.80
CA GLU A 78 6.77 -0.14 -19.77
C GLU A 78 5.50 -0.72 -19.15
N ASP A 79 4.33 -0.16 -19.46
CA ASP A 79 3.08 -0.68 -18.94
C ASP A 79 2.67 -1.94 -19.71
N GLU A 80 2.43 -3.02 -18.97
CA GLU A 80 2.09 -4.30 -19.58
C GLU A 80 0.60 -4.42 -19.92
N GLU A 81 -0.27 -3.72 -19.20
CA GLU A 81 -1.70 -3.77 -19.50
C GLU A 81 -2.03 -3.17 -20.87
N HIS A 82 -1.14 -2.36 -21.42
CA HIS A 82 -1.33 -1.76 -22.74
C HIS A 82 -0.35 -2.29 -23.77
N ALA A 83 0.34 -3.40 -23.47
CA ALA A 83 1.34 -3.92 -24.40
C ALA A 83 0.71 -4.35 -25.72
N SER A 84 -0.46 -4.99 -25.67
CA SER A 84 -1.13 -5.40 -26.88
C SER A 84 -1.73 -4.24 -27.64
N SER A 85 -1.94 -3.10 -26.98
CA SER A 85 -2.53 -1.93 -27.61
C SER A 85 -1.51 -1.00 -28.26
N LEU A 86 -0.22 -1.19 -27.96
CA LEU A 86 0.79 -0.27 -28.50
C LEU A 86 0.86 -0.24 -30.03
N PRO A 87 0.76 -1.35 -30.75
CA PRO A 87 0.83 -1.33 -32.23
C PRO A 87 -0.17 -0.42 -32.88
N LEU A 88 -1.12 0.12 -32.11
CA LEU A 88 -2.15 0.97 -32.69
C LEU A 88 -1.57 2.29 -33.20
N ILE A 89 -0.57 2.83 -32.53
CA ILE A 89 0.01 4.12 -32.92
C ILE A 89 1.37 3.92 -33.56
N GLY A 90 2.06 2.84 -33.19
CA GLY A 90 3.34 2.52 -33.80
C GLY A 90 4.45 3.48 -33.41
N VAL A 91 4.77 3.54 -32.12
CA VAL A 91 5.91 4.34 -31.68
C VAL A 91 7.18 3.78 -32.29
N PRO A 92 8.09 4.61 -32.79
CA PRO A 92 9.33 4.08 -33.38
C PRO A 92 10.13 3.28 -32.37
N ASP A 93 10.79 2.23 -32.87
CA ASP A 93 11.58 1.37 -32.02
C ASP A 93 12.74 2.14 -31.41
N ILE A 94 13.04 1.83 -30.15
CA ILE A 94 14.12 2.52 -29.44
C ILE A 94 15.45 2.16 -30.09
N LEU A 95 16.21 3.17 -30.46
CA LEU A 95 17.54 2.95 -31.03
C LEU A 95 18.55 2.81 -29.90
N PRO A 96 19.26 1.68 -29.78
CA PRO A 96 20.29 1.58 -28.75
C PRO A 96 21.38 2.62 -28.94
N LEU A 97 21.45 3.59 -28.03
CA LEU A 97 22.37 4.70 -28.15
C LEU A 97 23.12 4.89 -26.84
N ARG A 98 24.41 5.17 -26.95
CA ARG A 98 25.26 5.50 -25.82
C ARG A 98 25.85 6.89 -26.02
N ALA A 99 25.61 7.78 -25.07
CA ALA A 99 26.16 9.11 -25.12
C ALA A 99 27.51 9.16 -24.42
N SER A 100 28.39 10.03 -24.90
CA SER A 100 29.61 10.35 -24.18
C SER A 100 29.54 11.84 -23.85
N LEU A 101 29.64 12.16 -22.56
CA LEU A 101 29.53 13.53 -22.11
C LEU A 101 30.86 14.24 -22.25
N SER A 102 30.80 15.52 -22.62
CA SER A 102 31.99 16.36 -22.70
C SER A 102 31.75 17.62 -21.88
N SER A 103 32.81 18.13 -21.27
CA SER A 103 32.74 19.31 -20.45
C SER A 103 33.94 20.21 -20.73
N ARG A 104 33.77 21.49 -20.43
CA ARG A 104 34.81 22.49 -20.61
C ARG A 104 34.89 23.33 -19.35
N GLY A 105 36.10 23.48 -18.81
CA GLY A 105 36.28 24.18 -17.57
C GLY A 105 36.02 23.30 -16.36
N ALA A 106 36.03 23.94 -15.19
CA ALA A 106 35.77 23.27 -13.93
C ALA A 106 34.46 23.77 -13.33
N LEU A 107 33.95 23.04 -12.35
CA LEU A 107 32.70 23.42 -11.71
C LEU A 107 32.79 24.79 -11.04
N SER A 108 33.98 25.19 -10.60
CA SER A 108 34.15 26.53 -10.05
C SER A 108 33.98 27.59 -11.12
N ASP A 109 34.36 27.29 -12.36
CA ASP A 109 34.25 28.26 -13.45
C ASP A 109 32.79 28.55 -13.77
N SER A 110 32.51 29.81 -14.08
CA SER A 110 31.16 30.22 -14.45
C SER A 110 30.79 29.83 -15.88
N ASP A 111 31.79 29.54 -16.71
CA ASP A 111 31.54 29.10 -18.08
C ASP A 111 31.42 27.59 -18.21
N PHE A 112 31.43 26.87 -17.09
CA PHE A 112 31.39 25.41 -17.10
C PHE A 112 30.14 24.92 -17.81
N ARG A 113 30.33 24.20 -18.90
CA ARG A 113 29.23 23.63 -19.68
C ARG A 113 29.44 22.14 -19.83
N VAL A 114 28.38 21.37 -19.59
CA VAL A 114 28.34 19.95 -19.87
C VAL A 114 27.38 19.73 -21.03
N TRP A 115 27.86 19.09 -22.09
CA TRP A 115 27.06 18.87 -23.28
C TRP A 115 27.30 17.47 -23.80
N ILE A 116 26.38 16.99 -24.63
CA ILE A 116 26.52 15.75 -25.35
C ILE A 116 26.68 16.08 -26.83
N ALA A 117 27.86 15.85 -27.38
CA ALA A 117 28.01 15.76 -28.83
C ALA A 117 28.79 14.49 -29.15
N GLU A 118 28.09 13.36 -29.02
CA GLU A 118 28.52 12.04 -29.47
C GLU A 118 27.39 11.07 -29.22
N TRP A 119 27.03 10.27 -30.22
CA TRP A 119 25.99 9.25 -30.05
C TRP A 119 26.42 8.00 -30.82
N ALA A 120 26.64 6.91 -30.09
CA ALA A 120 27.13 5.68 -30.69
C ALA A 120 26.17 4.53 -30.41
N THR A 121 26.04 3.63 -31.40
CA THR A 121 25.26 2.43 -31.21
C THR A 121 25.92 1.54 -30.16
N PHE A 122 25.11 0.75 -29.45
CA PHE A 122 25.63 -0.01 -28.32
C PHE A 122 26.56 -1.13 -28.76
N PRO A 123 26.16 -2.10 -29.63
CA PRO A 123 27.15 -3.06 -30.12
C PRO A 123 28.37 -2.44 -30.80
N ALA A 124 28.12 -1.71 -31.88
CA ALA A 124 29.20 -1.35 -32.81
C ALA A 124 29.96 -0.10 -32.40
N ARG A 125 29.43 0.71 -31.50
CA ARG A 125 30.05 1.96 -31.09
C ARG A 125 30.34 2.85 -32.30
N LYS A 126 29.34 2.93 -33.20
CA LYS A 126 29.47 3.72 -34.42
C LYS A 126 28.87 5.10 -34.18
N PRO A 127 29.66 6.18 -34.20
CA PRO A 127 29.06 7.51 -34.03
C PRO A 127 28.04 7.82 -35.13
N ILE A 128 26.95 8.48 -34.72
CA ILE A 128 25.89 8.88 -35.64
C ILE A 128 25.49 10.32 -35.36
N ARG A 129 24.99 10.98 -36.39
CA ARG A 129 24.42 12.32 -36.28
C ARG A 129 22.98 12.27 -36.78
N PHE A 130 22.08 12.91 -36.04
CA PHE A 130 20.65 12.77 -36.26
C PHE A 130 19.94 14.05 -35.84
N SER A 131 18.76 14.25 -36.45
CA SER A 131 17.85 15.31 -36.03
C SER A 131 17.00 14.82 -34.86
N ARG A 132 16.42 15.78 -34.14
CA ARG A 132 15.68 15.43 -32.93
C ARG A 132 14.58 16.44 -32.67
N THR A 133 13.38 15.94 -32.42
CA THR A 133 12.25 16.74 -31.94
C THR A 133 11.67 16.03 -30.73
N GLY A 134 12.00 16.51 -29.54
CA GLY A 134 11.62 15.80 -28.33
C GLY A 134 12.49 14.58 -28.15
N ALA A 135 11.87 13.43 -27.89
CA ALA A 135 12.59 12.19 -27.66
C ALA A 135 12.64 11.31 -28.90
N ILE A 136 12.12 11.77 -30.04
CA ILE A 136 12.10 10.99 -31.27
C ILE A 136 13.20 11.50 -32.19
N LEU A 137 13.94 10.57 -32.78
CA LEU A 137 15.13 10.89 -33.55
C LEU A 137 14.77 10.93 -35.04
N THR A 138 15.78 11.12 -35.90
CA THR A 138 15.59 10.98 -37.34
C THR A 138 16.96 10.65 -37.94
N HIS A 139 17.17 9.36 -38.24
CA HIS A 139 18.41 8.88 -38.83
C HIS A 139 18.09 8.18 -40.13
N ASP A 140 18.63 8.70 -41.24
CA ASP A 140 18.39 8.15 -42.57
C ASP A 140 16.90 8.10 -42.89
N ASN A 141 16.21 9.21 -42.64
CA ASN A 141 14.77 9.38 -42.88
C ASN A 141 13.93 8.43 -42.05
N GLN A 142 14.52 7.71 -41.10
CA GLN A 142 13.81 6.76 -40.26
C GLN A 142 13.72 7.32 -38.85
N GLN A 143 12.52 7.31 -38.28
CA GLN A 143 12.32 7.78 -36.92
C GLN A 143 12.67 6.69 -35.91
N TYR A 144 13.35 7.08 -34.84
CA TYR A 144 13.67 6.21 -33.73
C TYR A 144 13.25 6.90 -32.44
N LEU A 145 13.46 6.22 -31.31
CA LEU A 145 13.10 6.75 -30.02
C LEU A 145 14.29 6.64 -29.08
N LEU A 146 14.60 7.73 -28.37
CA LEU A 146 15.62 7.69 -27.35
C LEU A 146 15.18 6.79 -26.20
N SER A 147 16.13 6.09 -25.59
CA SER A 147 15.84 5.33 -24.39
C SER A 147 15.36 6.27 -23.29
N ARG A 148 14.66 5.69 -22.31
CA ARG A 148 14.23 6.47 -21.16
C ARG A 148 15.43 7.06 -20.42
N GLU A 149 16.48 6.26 -20.27
CA GLU A 149 17.69 6.74 -19.59
C GLU A 149 18.41 7.79 -20.42
N ASN A 150 18.52 7.58 -21.73
CA ASN A 150 19.16 8.57 -22.58
C ASN A 150 18.33 9.85 -22.66
N TRP A 151 17.01 9.72 -22.69
CA TRP A 151 16.15 10.91 -22.66
C TRP A 151 16.33 11.67 -21.35
N ALA A 152 16.43 10.95 -20.22
CA ALA A 152 16.66 11.60 -18.94
C ALA A 152 18.02 12.30 -18.91
N LEU A 153 19.04 11.67 -19.48
CA LEU A 153 20.36 12.28 -19.54
C LEU A 153 20.33 13.57 -20.37
N LEU A 154 19.68 13.51 -21.54
CA LEU A 154 19.57 14.70 -22.39
C LEU A 154 18.79 15.80 -21.69
N GLN A 155 17.71 15.44 -20.98
CA GLN A 155 16.97 16.42 -20.21
C GLN A 155 17.84 17.04 -19.13
N ALA A 156 18.66 16.24 -18.46
CA ALA A 156 19.53 16.77 -17.41
C ALA A 156 20.52 17.78 -17.98
N THR A 157 21.13 17.45 -19.13
CA THR A 157 22.06 18.40 -19.74
C THR A 157 21.35 19.68 -20.16
N GLU A 158 20.16 19.57 -20.76
CA GLU A 158 19.44 20.76 -21.18
C GLU A 158 19.00 21.60 -19.98
N GLN A 159 18.59 20.95 -18.88
CA GLN A 159 18.21 21.68 -17.68
C GLN A 159 19.41 22.40 -17.07
N LEU A 160 20.59 21.77 -17.08
CA LEU A 160 21.78 22.48 -16.64
C LEU A 160 22.05 23.68 -17.53
N SER A 161 21.95 23.50 -18.85
CA SER A 161 22.21 24.62 -19.76
C SER A 161 21.24 25.77 -19.50
N ALA A 162 19.96 25.44 -19.26
CA ALA A 162 18.97 26.48 -18.97
C ALA A 162 19.25 27.16 -17.63
N GLN A 163 19.70 26.40 -16.62
CA GLN A 163 19.97 26.98 -15.33
C GLN A 163 21.20 27.87 -15.34
N GLN A 164 22.18 27.56 -16.19
CA GLN A 164 23.40 28.36 -16.26
C GLN A 164 23.17 29.70 -16.94
N ILE A 165 22.23 29.77 -17.89
CA ILE A 165 21.89 31.04 -18.52
C ILE A 165 20.88 31.84 -17.70
N GLN A 166 20.49 31.34 -16.53
CA GLN A 166 19.57 32.04 -15.64
C GLN A 166 20.20 32.40 -14.31
N THR A 167 21.04 31.53 -13.75
CA THR A 167 21.79 31.85 -12.54
C THR A 167 23.15 31.13 -12.56
N PRO A 168 24.17 31.78 -13.10
CA PRO A 168 25.52 31.21 -13.03
C PRO A 168 25.99 31.05 -11.59
N GLY A 169 27.03 30.24 -11.42
CA GLY A 169 27.58 30.00 -10.11
C GLY A 169 27.99 28.57 -9.89
N GLU A 170 28.72 28.30 -8.81
CA GLU A 170 29.19 26.94 -8.54
C GLU A 170 28.07 26.05 -8.02
N THR A 171 27.07 26.62 -7.35
CA THR A 171 25.96 25.81 -6.87
C THR A 171 25.14 25.24 -8.01
N THR A 172 24.83 26.08 -9.00
CA THR A 172 24.13 25.59 -10.19
C THR A 172 24.96 24.52 -10.91
N ASN A 173 26.26 24.76 -11.04
CA ASN A 173 27.14 23.79 -11.67
C ASN A 173 27.10 22.45 -10.93
N GLN A 174 27.20 22.49 -9.61
CA GLN A 174 27.24 21.25 -8.83
C GLN A 174 25.91 20.50 -8.91
N LEU A 175 24.79 21.22 -8.78
CA LEU A 175 23.49 20.56 -8.82
C LEU A 175 23.24 19.95 -10.20
N GLY A 176 23.50 20.71 -11.25
CA GLY A 176 23.32 20.19 -12.59
C GLY A 176 24.22 19.01 -12.88
N TRP A 177 25.49 19.08 -12.46
CA TRP A 177 26.40 17.98 -12.73
C TRP A 177 26.04 16.75 -11.90
N ALA A 178 25.52 16.93 -10.69
CA ALA A 178 25.03 15.78 -9.93
C ALA A 178 23.89 15.09 -10.67
N ALA A 179 22.94 15.88 -11.17
CA ALA A 179 21.82 15.29 -11.92
C ALA A 179 22.31 14.59 -13.18
N ILE A 180 23.20 15.23 -13.94
CA ILE A 180 23.71 14.64 -15.18
C ILE A 180 24.50 13.37 -14.88
N ARG A 181 25.32 13.39 -13.82
CA ARG A 181 26.10 12.21 -13.49
C ARG A 181 25.20 11.05 -13.07
N LYS A 182 24.14 11.33 -12.30
CA LYS A 182 23.21 10.28 -11.92
C LYS A 182 22.55 9.68 -13.17
N CYS A 183 22.01 10.53 -14.03
CA CYS A 183 21.34 10.04 -15.23
C CYS A 183 22.31 9.32 -16.16
N ALA A 184 23.59 9.72 -16.17
CA ALA A 184 24.58 9.09 -17.04
C ALA A 184 25.02 7.73 -16.51
N LYS A 185 25.12 7.59 -15.18
CA LYS A 185 25.34 6.26 -14.62
C LYS A 185 24.15 5.35 -14.93
N LEU A 186 22.93 5.88 -14.84
CA LEU A 186 21.78 5.10 -15.28
C LEU A 186 21.83 4.82 -16.78
N ALA A 187 22.27 5.78 -17.57
CA ALA A 187 22.30 5.64 -19.02
C ALA A 187 23.59 4.99 -19.53
N ALA A 188 24.53 4.66 -18.65
CA ALA A 188 25.80 4.03 -19.02
C ALA A 188 26.57 4.90 -20.02
N ALA A 189 26.62 6.20 -19.75
CA ALA A 189 27.31 7.13 -20.62
C ALA A 189 28.80 7.17 -20.31
N LYS A 190 29.55 7.85 -21.17
CA LYS A 190 30.98 8.05 -20.98
C LYS A 190 31.26 9.52 -20.65
N PHE A 191 32.20 9.74 -19.73
CA PHE A 191 32.64 11.07 -19.37
C PHE A 191 34.04 11.31 -19.93
N ASP A 192 34.38 12.59 -20.11
CA ASP A 192 35.72 12.95 -20.55
C ASP A 192 36.66 12.89 -19.34
N ASP A 193 37.89 13.37 -19.52
CA ASP A 193 38.89 13.24 -18.47
C ASP A 193 38.46 13.96 -17.19
N TYR A 194 37.88 15.16 -17.33
CA TYR A 194 37.55 15.93 -16.13
C TYR A 194 36.35 15.34 -15.40
N LEU A 195 35.31 14.92 -16.12
CA LEU A 195 34.11 14.43 -15.45
C LEU A 195 34.28 13.03 -14.90
N GLU A 196 35.20 12.23 -15.45
CA GLU A 196 35.49 10.93 -14.84
C GLU A 196 36.04 11.11 -13.43
N LYS A 197 36.95 12.06 -13.22
CA LYS A 197 37.58 12.23 -11.92
C LYS A 197 36.85 13.20 -11.02
N THR A 198 35.81 13.87 -11.51
CA THR A 198 35.04 14.81 -10.71
C THR A 198 33.73 14.15 -10.29
N HIS A 199 33.46 14.17 -8.99
CA HIS A 199 32.33 13.47 -8.40
C HIS A 199 31.47 14.46 -7.64
N VAL A 200 30.18 14.50 -7.94
CA VAL A 200 29.22 15.31 -7.20
C VAL A 200 28.00 14.46 -6.90
N ILE A 201 27.66 14.33 -5.62
CA ILE A 201 26.57 13.49 -5.17
C ILE A 201 25.62 14.32 -4.33
N LYS A 202 24.33 14.20 -4.61
CA LYS A 202 23.28 14.79 -3.78
C LYS A 202 22.31 13.67 -3.41
N PRO A 203 22.56 12.96 -2.32
CA PRO A 203 21.65 11.89 -1.90
C PRO A 203 20.33 12.44 -1.42
N THR A 204 19.23 11.82 -1.88
CA THR A 204 17.90 12.19 -1.42
C THR A 204 17.30 11.17 -0.47
N SER A 205 17.93 10.00 -0.33
CA SER A 205 17.45 8.98 0.59
C SER A 205 18.63 8.39 1.34
N LEU A 206 18.36 7.89 2.54
CA LEU A 206 19.38 7.33 3.43
C LEU A 206 19.10 5.87 3.72
N SER A 207 20.17 5.12 3.94
CA SER A 207 20.11 3.75 4.41
C SER A 207 20.83 3.69 5.75
N LEU A 208 20.14 3.20 6.78
CA LEU A 208 20.69 3.11 8.12
C LEU A 208 21.17 1.68 8.36
N ARG A 209 22.48 1.50 8.41
CA ARG A 209 23.07 0.20 8.68
C ARG A 209 23.18 0.02 10.19
N LEU A 210 22.55 -1.03 10.71
CA LEU A 210 22.50 -1.28 12.15
C LEU A 210 23.21 -2.59 12.45
N ARG A 211 24.03 -2.57 13.50
CA ARG A 211 24.75 -3.74 13.95
C ARG A 211 24.77 -3.77 15.47
N LYS A 212 24.70 -4.97 16.04
CA LYS A 212 24.84 -5.16 17.47
C LYS A 212 26.31 -5.40 17.81
N ALA A 213 26.85 -4.59 18.71
CA ALA A 213 28.26 -4.65 19.08
C ALA A 213 28.39 -4.67 20.60
N THR A 214 29.52 -5.19 21.07
CA THR A 214 29.83 -5.28 22.49
C THR A 214 31.12 -4.52 22.76
N VAL A 215 31.03 -3.51 23.62
CA VAL A 215 32.21 -2.79 24.10
C VAL A 215 32.40 -2.91 25.60
N ALA A 216 31.40 -3.41 26.32
CA ALA A 216 31.45 -3.58 27.77
C ALA A 216 30.59 -4.79 28.11
N ASP A 217 30.21 -4.90 29.39
CA ASP A 217 29.34 -5.99 29.82
C ASP A 217 28.00 -5.97 29.09
N THR A 218 27.54 -4.79 28.68
CA THR A 218 26.27 -4.65 27.96
C THR A 218 26.55 -4.30 26.50
N ALA A 219 25.75 -4.89 25.61
CA ALA A 219 25.95 -4.68 24.18
C ALA A 219 25.49 -3.28 23.76
N VAL A 220 25.96 -2.86 22.59
CA VAL A 220 25.64 -1.56 22.03
C VAL A 220 25.30 -1.75 20.55
N ILE A 221 24.50 -0.84 20.02
CA ILE A 221 24.08 -0.87 18.62
C ILE A 221 24.83 0.21 17.86
N GLU A 222 25.43 -0.16 16.74
CA GLU A 222 26.13 0.78 15.86
C GLU A 222 25.21 1.16 14.71
N ILE A 223 25.04 2.46 14.50
CA ILE A 223 24.17 3.00 13.46
C ILE A 223 25.04 3.70 12.43
N GLU A 224 24.81 3.38 11.15
CA GLU A 224 25.68 3.88 10.08
C GLU A 224 24.86 4.39 8.90
N PRO A 225 24.90 5.69 8.58
CA PRO A 225 24.20 6.13 7.38
C PRO A 225 24.90 5.67 6.10
N HIS A 226 24.12 5.59 5.01
CA HIS A 226 24.67 5.18 3.72
C HIS A 226 23.91 5.86 2.59
N PHE A 227 24.61 6.10 1.50
CA PHE A 227 24.07 6.73 0.30
C PHE A 227 23.91 5.69 -0.80
N GLU A 228 23.28 6.10 -1.90
CA GLU A 228 23.23 5.24 -3.08
C GLU A 228 24.62 5.09 -3.69
N ASP A 229 25.34 6.20 -3.82
CA ASP A 229 26.72 6.22 -4.32
C ASP A 229 27.53 7.13 -3.39
N GLN A 230 28.09 6.54 -2.34
CA GLN A 230 28.79 7.25 -1.28
C GLN A 230 30.30 7.16 -1.46
N PRO A 231 31.01 8.28 -1.34
CA PRO A 231 32.47 8.25 -1.40
C PRO A 231 33.04 7.36 -0.31
N ALA A 232 34.20 6.76 -0.61
CA ALA A 232 34.81 5.82 0.31
C ALA A 232 35.23 6.47 1.62
N ASN A 233 35.54 7.76 1.59
CA ASN A 233 36.01 8.47 2.77
C ASN A 233 34.99 9.43 3.35
N TRP A 234 33.74 9.37 2.90
CA TRP A 234 32.75 10.33 3.39
C TRP A 234 32.43 10.11 4.85
N LEU A 235 32.40 8.85 5.30
CA LEU A 235 32.02 8.57 6.68
C LEU A 235 33.04 9.14 7.65
N GLY A 236 34.33 9.07 7.32
CA GLY A 236 35.34 9.64 8.20
C GLY A 236 35.20 11.13 8.35
N SER A 237 34.96 11.84 7.24
CA SER A 237 34.74 13.28 7.30
C SER A 237 33.46 13.61 8.05
N PHE A 238 32.42 12.81 7.87
CA PHE A 238 31.16 13.02 8.59
C PHE A 238 31.36 12.85 10.09
N ASP A 239 32.17 11.87 10.49
CA ASP A 239 32.43 11.64 11.90
C ASP A 239 33.30 12.73 12.50
N LYS A 240 34.38 13.12 11.82
CA LYS A 240 35.36 14.01 12.43
C LYS A 240 34.82 15.42 12.61
N ASN A 241 33.96 15.89 11.71
CA ASN A 241 33.42 17.24 11.83
C ASN A 241 32.43 17.32 12.98
N LEU A 242 32.41 18.47 13.63
CA LEU A 242 31.55 18.64 14.81
C LEU A 242 30.07 18.70 14.43
N GLN A 243 29.76 19.22 13.25
CA GLN A 243 28.38 19.38 12.81
C GLN A 243 28.19 18.69 11.46
N VAL A 244 26.97 18.77 10.95
CA VAL A 244 26.64 18.23 9.63
C VAL A 244 26.55 19.40 8.67
N HIS A 245 27.45 19.44 7.70
CA HIS A 245 27.50 20.53 6.75
C HIS A 245 26.47 20.34 5.63
N ASP A 246 26.08 21.46 5.02
CA ASP A 246 25.25 21.40 3.83
C ASP A 246 25.95 20.71 2.67
N SER A 247 27.29 20.76 2.65
CA SER A 247 28.07 20.16 1.58
C SER A 247 29.38 19.63 2.14
N TYR A 248 29.78 18.46 1.66
CA TYR A 248 31.02 17.82 2.08
C TYR A 248 31.95 17.74 0.88
N ARG A 249 33.25 17.89 1.13
CA ARG A 249 34.27 17.88 0.09
C ARG A 249 35.31 16.82 0.47
N ILE A 250 35.15 15.62 -0.09
CA ILE A 250 35.98 14.47 0.23
C ILE A 250 36.97 14.25 -0.92
N PRO A 251 38.28 14.32 -0.68
CA PRO A 251 39.24 13.95 -1.72
C PRO A 251 39.43 12.44 -1.82
N GLY A 252 39.54 11.97 -3.06
CA GLY A 252 39.75 10.56 -3.32
C GLY A 252 41.23 10.18 -3.31
N GLU A 253 41.47 8.88 -3.53
CA GLU A 253 42.84 8.38 -3.52
C GLU A 253 43.55 8.62 -4.84
N ASN A 254 42.82 8.73 -5.95
CA ASN A 254 43.40 8.96 -7.26
C ASN A 254 43.45 10.44 -7.62
N GLY A 255 43.38 11.32 -6.63
CA GLY A 255 43.22 12.73 -6.89
C GLY A 255 41.82 13.13 -7.27
N GLU A 256 40.87 12.20 -7.23
CA GLU A 256 39.48 12.49 -7.55
C GLU A 256 38.85 13.30 -6.42
N LEU A 257 38.11 14.33 -6.80
CA LEU A 257 37.47 15.23 -5.84
C LEU A 257 35.97 14.97 -5.84
N SER A 258 35.43 14.58 -4.70
CA SER A 258 34.04 14.20 -4.56
C SER A 258 33.31 15.21 -3.70
N HIS A 259 32.23 15.77 -4.23
CA HIS A 259 31.38 16.71 -3.50
C HIS A 259 30.08 16.01 -3.13
N VAL A 260 29.71 16.12 -1.86
CA VAL A 260 28.46 15.54 -1.36
C VAL A 260 27.57 16.68 -0.91
N ILE A 261 26.45 16.86 -1.59
CA ILE A 261 25.47 17.89 -1.26
C ILE A 261 24.36 17.23 -0.44
N ILE A 262 24.05 17.82 0.70
CA ILE A 262 23.13 17.24 1.66
C ILE A 262 21.85 18.05 1.65
N PRO A 263 20.74 17.51 1.13
CA PRO A 263 19.46 18.24 1.17
C PRO A 263 18.98 18.44 2.60
N PRO A 264 18.12 19.43 2.83
CA PRO A 264 17.67 19.72 4.20
C PRO A 264 17.09 18.54 4.95
N GLU A 265 16.32 17.66 4.29
CA GLU A 265 15.76 16.51 4.99
C GLU A 265 16.83 15.47 5.31
N VAL A 266 17.69 15.17 4.34
CA VAL A 266 18.82 14.29 4.59
C VAL A 266 19.71 14.91 5.65
N LYS A 267 19.85 16.23 5.63
CA LYS A 267 20.63 16.91 6.67
C LYS A 267 20.00 16.73 8.04
N GLU A 268 18.67 16.77 8.12
CA GLU A 268 18.00 16.62 9.40
C GLU A 268 18.21 15.21 9.96
N VAL A 269 18.08 14.21 9.10
CA VAL A 269 18.31 12.83 9.52
C VAL A 269 19.77 12.63 9.94
N LEU A 270 20.71 13.19 9.18
CA LEU A 270 22.12 13.07 9.55
C LEU A 270 22.45 13.87 10.79
N ASN A 271 21.69 14.93 11.07
CA ASN A 271 21.85 15.65 12.33
C ASN A 271 21.44 14.77 13.50
N SER A 272 20.31 14.07 13.37
CA SER A 272 19.89 13.17 14.44
C SER A 272 20.86 12.02 14.61
N ILE A 273 21.39 11.49 13.51
CA ILE A 273 22.37 10.41 13.60
C ILE A 273 23.67 10.92 14.22
N HIS A 274 24.10 12.12 13.83
CA HIS A 274 25.37 12.67 14.29
C HIS A 274 25.32 13.06 15.76
N SER A 275 24.14 13.40 16.27
CA SER A 275 24.00 13.75 17.68
C SER A 275 24.27 12.56 18.60
N ILE A 276 24.15 11.34 18.08
CA ILE A 276 24.46 10.13 18.85
C ILE A 276 25.97 10.03 19.01
N PRO A 277 26.49 10.00 20.24
CA PRO A 277 27.95 10.06 20.44
C PRO A 277 28.62 8.79 19.94
N GLY A 278 29.53 8.95 18.97
CA GLY A 278 30.23 7.83 18.40
C GLY A 278 29.40 6.95 17.50
N ARG A 279 28.19 7.38 17.15
CA ARG A 279 27.24 6.57 16.38
C ARG A 279 27.03 5.22 17.04
N ARG A 280 27.03 5.21 18.37
CA ARG A 280 26.78 4.01 19.17
C ARG A 280 25.47 4.20 19.91
N VAL A 281 24.53 3.30 19.68
CA VAL A 281 23.18 3.41 20.22
C VAL A 281 23.18 2.77 21.61
N ALA A 282 23.18 3.61 22.64
CA ALA A 282 23.07 3.17 24.02
C ALA A 282 22.18 4.14 24.77
N GLY A 283 21.28 3.61 25.59
CA GLY A 283 20.34 4.42 26.32
C GLY A 283 18.96 4.41 25.70
N SER A 284 17.99 4.91 26.46
CA SER A 284 16.59 4.85 26.03
C SER A 284 16.33 5.77 24.85
N GLU A 285 16.99 6.92 24.80
CA GLU A 285 16.73 7.89 23.73
C GLU A 285 17.20 7.38 22.38
N ALA A 286 18.45 6.88 22.32
CA ALA A 286 18.98 6.39 21.06
C ALA A 286 18.29 5.10 20.63
N LEU A 287 18.03 4.20 21.58
CA LEU A 287 17.27 2.99 21.27
C LEU A 287 15.87 3.32 20.79
N SER A 288 15.25 4.35 21.35
CA SER A 288 13.92 4.77 20.90
C SER A 288 13.99 5.36 19.49
N PHE A 289 15.06 6.08 19.18
CA PHE A 289 15.24 6.56 17.81
C PHE A 289 15.41 5.41 16.83
N VAL A 290 16.18 4.39 17.21
CA VAL A 290 16.33 3.22 16.34
C VAL A 290 15.02 2.47 16.20
N ARG A 291 14.26 2.36 17.29
CA ARG A 291 12.98 1.66 17.25
C ARG A 291 12.02 2.33 16.27
N ASN A 292 11.95 3.66 16.29
CA ASN A 292 11.03 4.40 15.43
C ASN A 292 11.59 5.80 15.25
N PRO A 293 12.41 6.02 14.21
CA PRO A 293 13.00 7.35 14.01
C PRO A 293 12.04 8.38 13.45
N TYR A 294 10.86 7.96 12.99
CA TYR A 294 9.94 8.88 12.33
C TYR A 294 9.20 9.76 13.33
N THR A 295 9.11 9.37 14.60
CA THR A 295 8.60 10.29 15.60
C THR A 295 9.65 11.32 15.99
N PHE A 296 10.92 10.93 15.99
CA PHE A 296 11.97 11.88 16.33
C PHE A 296 12.25 12.84 15.18
N LEU A 297 12.05 12.41 13.94
CA LEU A 297 12.27 13.26 12.78
C LEU A 297 10.99 13.90 12.24
N GLY A 298 10.00 13.09 11.89
CA GLY A 298 8.74 13.62 11.39
C GLY A 298 8.30 12.88 10.15
N GLU A 299 7.37 13.50 9.43
CA GLU A 299 6.83 12.92 8.22
C GLU A 299 7.77 13.08 7.02
N ASP A 300 8.74 13.98 7.09
CA ASP A 300 9.69 14.14 6.01
C ASP A 300 10.76 13.06 6.00
N ALA A 301 10.90 12.32 7.11
CA ALA A 301 11.90 11.26 7.18
C ALA A 301 11.51 10.03 6.38
N ALA A 302 10.22 9.84 6.11
CA ALA A 302 9.78 8.65 5.38
C ALA A 302 10.35 8.63 3.97
N SER A 303 10.44 9.80 3.33
CA SER A 303 11.07 9.87 2.02
C SER A 303 12.56 9.57 2.10
N VAL A 304 13.24 10.09 3.13
CA VAL A 304 14.67 9.86 3.27
C VAL A 304 14.96 8.42 3.65
N ILE A 305 14.20 7.89 4.60
CA ILE A 305 14.37 6.52 5.09
C ILE A 305 13.06 5.79 4.85
N ALA A 306 13.10 4.73 4.04
CA ALA A 306 11.90 3.96 3.76
C ALA A 306 11.52 3.14 5.00
N PRO A 307 10.28 3.24 5.48
CA PRO A 307 9.89 2.42 6.65
C PRO A 307 10.15 0.94 6.49
N GLU A 308 9.90 0.38 5.31
CA GLU A 308 10.12 -1.06 5.11
C GLU A 308 11.59 -1.40 5.16
N GLU A 309 12.45 -0.52 4.63
CA GLU A 309 13.88 -0.75 4.71
C GLU A 309 14.37 -0.69 6.16
N HIS A 310 13.80 0.23 6.96
CA HIS A 310 14.16 0.28 8.36
C HIS A 310 13.70 -0.97 9.10
N GLU A 311 12.51 -1.47 8.77
CA GLU A 311 12.04 -2.73 9.34
C GLU A 311 13.00 -3.87 8.99
N GLN A 312 13.40 -3.94 7.73
CA GLN A 312 14.31 -5.00 7.30
C GLN A 312 15.66 -4.87 8.00
N ALA A 313 16.16 -3.64 8.16
CA ALA A 313 17.43 -3.43 8.83
C ALA A 313 17.35 -3.84 10.29
N LEU A 314 16.23 -3.55 10.95
CA LEU A 314 16.04 -4.01 12.32
C LEU A 314 16.01 -5.53 12.38
N PHE A 315 15.40 -6.17 11.39
CA PHE A 315 15.33 -7.63 11.38
C PHE A 315 16.70 -8.27 11.14
N ASP A 316 17.47 -7.73 10.20
CA ASP A 316 18.79 -8.29 9.91
C ASP A 316 19.72 -8.16 11.11
N ALA A 317 19.66 -7.03 11.81
CA ALA A 317 20.53 -6.80 12.96
C ALA A 317 20.03 -7.49 14.22
N ARG A 318 19.00 -8.33 14.12
CA ARG A 318 18.41 -9.03 15.26
C ARG A 318 18.05 -8.08 16.40
N ILE A 319 17.55 -6.90 16.05
CA ILE A 319 17.15 -5.91 17.04
C ILE A 319 15.65 -6.10 17.26
N PHE A 320 15.30 -6.88 18.29
CA PHE A 320 13.92 -7.12 18.66
C PHE A 320 13.67 -6.53 20.04
N PHE A 321 12.60 -5.75 20.15
CA PHE A 321 12.22 -5.13 21.43
C PHE A 321 11.27 -6.08 22.13
N HIS A 322 11.83 -6.90 23.01
CA HIS A 322 11.06 -7.96 23.66
C HIS A 322 10.13 -7.39 24.72
N HIS A 323 8.93 -7.97 24.81
CA HIS A 323 8.12 -7.81 26.02
C HIS A 323 8.67 -8.71 27.11
N PHE A 324 8.58 -8.23 28.36
CA PHE A 324 9.15 -8.91 29.50
C PHE A 324 8.10 -9.12 30.56
N ARG A 325 8.31 -10.16 31.37
CA ARG A 325 7.41 -10.50 32.47
C ARG A 325 8.24 -11.05 33.63
N LEU A 326 7.77 -10.80 34.84
CA LEU A 326 8.44 -11.20 36.07
C LEU A 326 7.54 -12.16 36.84
N ILE A 327 8.08 -13.32 37.20
CA ILE A 327 7.32 -14.37 37.85
C ILE A 327 8.10 -14.86 39.07
N PRO A 328 7.65 -14.53 40.27
CA PRO A 328 8.19 -15.21 41.46
C PRO A 328 7.74 -16.68 41.49
N GLN A 329 8.57 -17.50 42.11
CA GLN A 329 8.29 -18.93 42.29
C GLN A 329 8.08 -19.17 43.78
N LEU A 330 6.83 -19.11 44.21
CA LEU A 330 6.49 -19.13 45.63
C LEU A 330 7.03 -20.38 46.30
N ASN A 331 7.57 -20.19 47.52
CA ASN A 331 8.17 -21.26 48.30
C ASN A 331 7.04 -21.89 49.14
N THR A 332 7.40 -22.78 50.07
CA THR A 332 6.40 -23.49 50.85
C THR A 332 5.58 -22.52 51.72
N GLU A 333 6.24 -21.54 52.33
CA GLU A 333 5.58 -20.57 53.18
C GLU A 333 5.44 -19.21 52.48
N ASN A 334 5.49 -19.22 51.14
CA ASN A 334 5.35 -18.03 50.29
C ASN A 334 6.54 -17.10 50.44
N LYS A 335 7.58 -17.56 51.14
CA LYS A 335 8.82 -16.80 51.21
C LYS A 335 9.48 -16.75 49.84
N ILE A 336 10.15 -15.63 49.55
CA ILE A 336 10.69 -15.39 48.21
C ILE A 336 12.11 -14.89 48.31
N THR A 337 13.06 -15.68 47.79
CA THR A 337 14.30 -15.13 47.22
C THR A 337 14.53 -15.81 45.87
N GLU A 338 13.70 -15.47 44.88
CA GLU A 338 13.70 -16.07 43.55
C GLU A 338 12.83 -15.22 42.63
N VAL A 339 13.36 -14.89 41.46
CA VAL A 339 12.60 -14.23 40.39
C VAL A 339 13.17 -14.70 39.06
N THR A 340 12.31 -14.83 38.05
CA THR A 340 12.73 -15.09 36.68
C THR A 340 12.33 -13.91 35.80
N LEU A 341 12.93 -13.84 34.61
CA LEU A 341 12.59 -12.84 33.63
C LEU A 341 12.42 -13.52 32.27
N ILE A 342 11.23 -13.38 31.69
CA ILE A 342 10.90 -13.99 30.41
C ILE A 342 10.76 -12.89 29.37
N LEU A 343 11.48 -13.03 28.26
CA LEU A 343 11.43 -12.06 27.16
C LEU A 343 10.78 -12.73 25.95
N GLU A 344 9.50 -12.46 25.73
CA GLU A 344 8.84 -12.93 24.52
C GLU A 344 9.03 -11.90 23.41
N PRO A 345 9.62 -12.29 22.28
CA PRO A 345 10.01 -11.29 21.27
C PRO A 345 8.83 -10.75 20.48
N VAL A 346 9.03 -9.56 19.92
CA VAL A 346 8.15 -9.02 18.89
C VAL A 346 8.89 -9.24 17.57
N SER A 347 8.43 -10.24 16.83
CA SER A 347 9.11 -10.67 15.60
C SER A 347 8.06 -11.00 14.52
N PRO A 348 8.48 -11.06 13.26
CA PRO A 348 7.48 -11.43 12.23
C PRO A 348 7.24 -12.93 12.26
N VAL A 349 8.20 -13.71 12.74
CA VAL A 349 8.10 -15.17 12.87
C VAL A 349 8.26 -15.52 14.34
N PRO A 350 7.45 -16.43 14.88
CA PRO A 350 7.66 -16.87 16.26
C PRO A 350 9.06 -17.42 16.48
N GLN A 351 9.64 -17.05 17.62
CA GLN A 351 10.97 -17.49 18.01
C GLN A 351 10.95 -17.92 19.46
N PRO A 352 11.85 -18.82 19.86
CA PRO A 352 11.94 -19.19 21.28
C PRO A 352 12.31 -17.99 22.14
N GLU A 353 11.75 -17.96 23.34
CA GLU A 353 11.94 -16.84 24.25
C GLU A 353 13.29 -16.93 24.97
N ILE A 354 13.69 -15.82 25.57
CA ILE A 354 14.95 -15.72 26.29
C ILE A 354 14.63 -15.60 27.78
N THR A 355 15.27 -16.44 28.59
CA THR A 355 14.99 -16.55 30.01
C THR A 355 16.17 -16.06 30.83
N PHE A 356 15.87 -15.26 31.85
CA PHE A 356 16.81 -14.89 32.88
C PHE A 356 16.33 -15.42 34.23
N VAL A 357 17.28 -15.59 35.14
CA VAL A 357 16.99 -16.02 36.50
C VAL A 357 17.54 -14.96 37.44
N PHE A 358 16.66 -14.27 38.15
CA PHE A 358 17.06 -13.28 39.15
C PHE A 358 17.04 -13.97 40.51
N SER A 359 18.16 -14.61 40.84
CA SER A 359 18.33 -15.35 42.07
C SER A 359 18.65 -14.47 43.28
N ALA A 360 19.03 -13.21 43.06
CA ALA A 360 19.39 -12.31 44.14
C ALA A 360 18.67 -10.97 43.97
N PRO A 361 18.41 -10.27 45.08
CA PRO A 361 17.68 -8.99 44.98
C PRO A 361 18.43 -7.88 44.27
N TRP A 362 19.76 -7.86 44.31
CA TRP A 362 20.50 -6.74 43.73
C TRP A 362 20.41 -6.70 42.21
N GLU A 363 20.44 -7.87 41.57
CA GLU A 363 20.32 -7.93 40.12
C GLU A 363 18.92 -7.54 39.66
N LEU A 364 17.88 -7.94 40.41
CA LEU A 364 16.55 -7.42 40.14
C LEU A 364 16.50 -5.91 40.35
N ASP A 365 17.17 -5.40 41.39
CA ASP A 365 17.22 -3.96 41.62
C ASP A 365 17.85 -3.24 40.43
N LYS A 366 18.91 -3.82 39.87
CA LYS A 366 19.55 -3.22 38.70
C LYS A 366 18.60 -3.20 37.50
N PHE A 367 17.84 -4.28 37.32
CA PHE A 367 16.86 -4.30 36.23
C PHE A 367 15.78 -3.23 36.45
N ILE A 368 15.31 -3.09 37.69
CA ILE A 368 14.32 -2.05 38.00
C ILE A 368 14.91 -0.66 37.78
N GLN A 369 16.21 -0.50 38.06
CA GLN A 369 16.86 0.79 37.80
C GLN A 369 16.91 1.09 36.31
N GLN A 370 17.21 0.08 35.49
CA GLN A 370 17.18 0.28 34.04
C GLN A 370 15.78 0.67 33.58
N LEU A 371 14.76 -0.04 34.09
CA LEU A 371 13.39 0.30 33.75
C LEU A 371 13.09 1.73 34.17
N GLY A 372 13.62 2.15 35.33
CA GLY A 372 13.41 3.50 35.85
C GLY A 372 13.95 4.56 34.99
N ILE A 373 15.15 4.34 34.55
CA ILE A 373 15.78 5.25 33.64
C ILE A 373 14.94 5.38 32.37
N SER A 374 14.48 4.24 31.85
CA SER A 374 13.69 4.27 30.62
C SER A 374 12.37 5.01 30.81
N VAL A 375 11.70 4.80 31.96
CA VAL A 375 10.42 5.47 32.20
C VAL A 375 10.63 6.96 32.44
N ALA A 376 11.65 7.32 33.22
CA ALA A 376 11.93 8.73 33.48
C ALA A 376 12.30 9.47 32.19
N ALA A 377 12.96 8.78 31.26
CA ALA A 377 13.22 9.38 29.96
C ALA A 377 11.97 9.52 29.11
N GLN A 378 10.85 8.95 29.54
CA GLN A 378 9.58 8.96 28.78
C GLN A 378 9.74 8.32 27.42
N MET A 379 10.59 7.30 27.34
CA MET A 379 10.90 6.62 26.10
C MET A 379 10.26 5.23 26.08
N PRO A 380 9.83 4.73 24.92
CA PRO A 380 9.21 3.41 24.87
C PRO A 380 10.19 2.28 24.62
N ALA A 381 11.49 2.52 24.70
CA ALA A 381 12.51 1.52 24.46
C ALA A 381 13.47 1.44 25.64
N GLY A 382 13.85 0.22 25.98
CA GLY A 382 14.83 -0.01 27.03
C GLY A 382 15.84 -1.06 26.62
N SER A 383 16.75 -1.42 27.51
CA SER A 383 17.73 -2.44 27.21
C SER A 383 18.12 -3.17 28.49
N TRP A 384 18.52 -4.43 28.33
CA TRP A 384 19.00 -5.22 29.46
C TRP A 384 19.84 -6.36 28.92
N GLN A 385 21.15 -6.31 29.20
CA GLN A 385 22.08 -7.37 28.83
C GLN A 385 22.05 -7.67 27.33
N GLY A 386 22.05 -6.60 26.53
CA GLY A 386 22.09 -6.74 25.08
C GLY A 386 20.76 -7.04 24.42
N TYR A 387 19.67 -7.05 25.18
CA TYR A 387 18.34 -7.30 24.64
C TYR A 387 17.52 -6.01 24.76
N GLU A 388 16.91 -5.60 23.66
CA GLU A 388 16.06 -4.42 23.67
C GLU A 388 14.73 -4.75 24.34
N LEU A 389 14.13 -3.74 24.96
CA LEU A 389 12.86 -3.89 25.66
C LEU A 389 11.82 -2.98 25.03
N GLU A 390 10.59 -3.48 24.97
CA GLU A 390 9.44 -2.74 24.45
C GLU A 390 8.63 -2.25 25.64
N LEU A 391 8.71 -0.95 25.92
CA LEU A 391 8.10 -0.38 27.12
C LEU A 391 6.95 0.57 26.80
N SER A 392 6.42 0.52 25.57
CA SER A 392 5.24 1.32 25.25
C SER A 392 4.01 0.82 26.00
N GLN A 393 3.88 -0.51 26.12
CA GLN A 393 2.79 -1.09 26.90
C GLN A 393 3.09 -1.13 28.39
N PHE A 394 4.31 -0.78 28.80
CA PHE A 394 4.68 -0.75 30.21
C PHE A 394 4.05 0.49 30.83
N THR A 395 2.91 0.30 31.48
CA THR A 395 2.17 1.39 32.08
C THR A 395 2.79 1.76 33.43
N GLU A 396 2.25 2.83 34.04
CA GLU A 396 2.69 3.20 35.38
C GLU A 396 2.26 2.16 36.41
N GLN A 397 1.12 1.51 36.19
CA GLN A 397 0.66 0.48 37.12
C GLN A 397 1.66 -0.67 37.21
N GLN A 398 2.14 -1.16 36.06
CA GLN A 398 3.12 -2.23 36.08
C GLN A 398 4.45 -1.76 36.67
N TRP A 399 4.78 -0.48 36.48
CA TRP A 399 5.96 0.09 37.12
C TRP A 399 5.85 0.01 38.64
N HIS A 400 4.68 0.39 39.19
CA HIS A 400 4.50 0.28 40.63
C HIS A 400 4.44 -1.17 41.08
N ASP A 401 3.92 -2.08 40.25
CA ASP A 401 3.97 -3.50 40.61
C ASP A 401 5.41 -3.98 40.72
N CYS A 402 6.27 -3.60 39.77
CA CYS A 402 7.68 -3.98 39.84
C CYS A 402 8.35 -3.38 41.08
N GLN A 403 8.10 -2.10 41.35
CA GLN A 403 8.72 -1.47 42.52
C GLN A 403 8.23 -2.13 43.82
N ALA A 404 6.93 -2.42 43.91
CA ALA A 404 6.39 -3.06 45.10
C ALA A 404 6.93 -4.48 45.25
N LEU A 405 7.12 -5.19 44.14
CA LEU A 405 7.76 -6.50 44.21
C LEU A 405 9.17 -6.38 44.77
N LEU A 406 9.90 -5.36 44.33
CA LEU A 406 11.24 -5.12 44.86
C LEU A 406 11.20 -4.88 46.37
N THR A 407 10.32 -3.96 46.82
CA THR A 407 10.26 -3.63 48.25
C THR A 407 9.83 -4.84 49.07
N ARG A 408 8.86 -5.61 48.58
CA ARG A 408 8.40 -6.79 49.33
C ARG A 408 9.49 -7.85 49.41
N TRP A 409 10.23 -8.07 48.31
CA TRP A 409 11.36 -8.99 48.36
C TRP A 409 12.38 -8.53 49.39
N GLN A 410 12.74 -7.25 49.36
CA GLN A 410 13.75 -6.74 50.29
C GLN A 410 13.27 -6.87 51.73
N GLN A 411 12.03 -6.48 52.03
CA GLN A 411 11.56 -6.60 53.41
C GLN A 411 11.48 -8.05 53.85
N GLU A 412 11.31 -8.98 52.90
CA GLU A 412 11.43 -10.39 53.26
C GLU A 412 12.89 -10.77 53.53
N ILE A 413 13.84 -10.13 52.86
CA ILE A 413 15.25 -10.46 53.07
C ILE A 413 15.67 -10.13 54.50
N GLU A 414 15.32 -8.95 54.99
CA GLU A 414 15.60 -8.58 56.37
C GLU A 414 14.70 -9.36 57.33
N ALA A 566 -28.52 -8.39 23.19
CA ALA A 566 -29.18 -7.30 23.88
C ALA A 566 -29.70 -6.26 22.89
N GLU A 567 -30.25 -5.18 23.42
CA GLU A 567 -30.82 -4.09 22.65
C GLU A 567 -29.88 -2.90 22.73
N PRO A 568 -29.45 -2.33 21.61
CA PRO A 568 -28.47 -1.23 21.69
C PRO A 568 -29.10 0.08 22.11
N GLU A 569 -28.26 0.97 22.66
CA GLU A 569 -28.67 2.30 23.05
C GLU A 569 -28.35 3.26 21.90
N ILE A 570 -29.39 3.69 21.21
CA ILE A 570 -29.20 4.51 20.01
C ILE A 570 -28.79 5.92 20.43
N PRO A 571 -27.71 6.48 19.88
CA PRO A 571 -27.36 7.86 20.21
C PRO A 571 -28.44 8.84 19.77
N LEU A 572 -28.63 9.90 20.56
CA LEU A 572 -29.66 10.88 20.27
C LEU A 572 -29.30 11.78 19.10
N SER A 573 -28.02 11.90 18.78
CA SER A 573 -27.57 12.76 17.68
C SER A 573 -27.79 12.13 16.31
N LEU A 574 -28.22 10.87 16.25
CA LEU A 574 -28.50 10.23 14.98
C LEU A 574 -29.67 10.92 14.30
N LYS A 575 -29.53 11.21 13.01
CA LYS A 575 -30.57 11.92 12.28
C LYS A 575 -31.82 11.04 12.13
N GLU A 576 -32.98 11.68 12.16
CA GLU A 576 -34.25 10.96 12.16
C GLU A 576 -34.50 10.21 10.85
N HIS A 577 -33.91 10.65 9.75
CA HIS A 577 -34.11 10.01 8.46
C HIS A 577 -33.21 8.80 8.25
N ILE A 578 -32.35 8.49 9.22
CA ILE A 578 -31.41 7.38 9.11
C ILE A 578 -31.77 6.32 10.14
N ARG A 579 -31.94 5.09 9.68
CA ARG A 579 -32.30 3.96 10.52
C ARG A 579 -31.26 2.87 10.35
N LEU A 580 -30.96 2.18 11.45
CA LEU A 580 -30.03 1.06 11.40
C LEU A 580 -30.74 -0.19 10.92
N LYS A 581 -30.06 -0.94 10.05
CA LYS A 581 -30.50 -2.29 9.75
C LYS A 581 -30.51 -3.12 11.01
N ASP A 582 -31.19 -4.27 10.96
CA ASP A 582 -31.19 -5.16 12.12
C ASP A 582 -29.76 -5.52 12.50
N HIS A 583 -29.04 -6.14 11.57
CA HIS A 583 -27.69 -6.64 11.87
C HIS A 583 -26.78 -5.52 12.36
N GLN A 584 -26.96 -4.31 11.84
CA GLN A 584 -26.24 -3.16 12.36
C GLN A 584 -26.62 -2.89 13.81
N ARG A 585 -27.90 -3.08 14.16
CA ARG A 585 -28.31 -2.90 15.54
C ARG A 585 -27.65 -3.92 16.47
N GLU A 586 -27.61 -5.21 16.09
CA GLU A 586 -26.93 -6.16 16.98
C GLU A 586 -25.44 -5.88 17.03
N GLY A 587 -24.84 -5.43 15.93
CA GLY A 587 -23.44 -5.08 15.96
C GLY A 587 -23.14 -3.95 16.93
N VAL A 588 -23.96 -2.89 16.89
CA VAL A 588 -23.80 -1.80 17.84
C VAL A 588 -23.98 -2.29 19.27
N ALA A 589 -25.02 -3.10 19.51
CA ALA A 589 -25.28 -3.60 20.85
C ALA A 589 -24.14 -4.46 21.37
N TRP A 590 -23.59 -5.30 20.50
CA TRP A 590 -22.45 -6.14 20.88
C TRP A 590 -21.24 -5.27 21.23
N LEU A 591 -21.01 -4.22 20.43
CA LEU A 591 -19.93 -3.29 20.73
C LEU A 591 -20.12 -2.64 22.10
N GLN A 592 -21.33 -2.16 22.39
CA GLN A 592 -21.57 -1.52 23.69
C GLN A 592 -21.41 -2.52 24.83
N GLN A 593 -21.94 -3.73 24.67
CA GLN A 593 -21.85 -4.70 25.75
C GLN A 593 -20.41 -5.13 26.02
N LEU A 594 -19.58 -5.18 24.97
CA LEU A 594 -18.15 -5.35 25.20
C LEU A 594 -17.55 -4.14 25.91
N PHE A 595 -18.01 -2.94 25.56
CA PHE A 595 -17.41 -1.73 26.11
C PHE A 595 -17.72 -1.55 27.60
N LEU A 596 -18.93 -1.90 28.04
CA LEU A 596 -19.26 -1.70 29.45
C LEU A 596 -18.41 -2.56 30.39
N ARG A 597 -17.71 -3.57 29.86
CA ARG A 597 -16.75 -4.34 30.65
C ARG A 597 -15.34 -4.20 30.08
N SER A 598 -15.02 -3.01 29.55
CA SER A 598 -13.77 -2.85 28.80
C SER A 598 -12.53 -2.77 29.69
N PRO A 599 -12.44 -1.86 30.67
CA PRO A 599 -11.16 -1.70 31.37
C PRO A 599 -10.75 -2.90 32.22
N GLU A 600 -11.67 -3.81 32.51
CA GLU A 600 -11.40 -4.95 33.38
C GLU A 600 -11.24 -6.27 32.62
N GLU A 601 -12.17 -6.58 31.71
CA GLU A 601 -12.18 -7.87 31.05
C GLU A 601 -11.88 -7.80 29.56
N THR A 602 -12.42 -6.81 28.84
CA THR A 602 -12.32 -6.75 27.39
C THR A 602 -11.51 -5.54 26.96
N ALA A 603 -10.23 -5.74 26.67
CA ALA A 603 -9.37 -4.63 26.25
C ALA A 603 -9.74 -4.13 24.85
N GLY A 604 -10.44 -4.93 24.05
CA GLY A 604 -10.75 -4.52 22.70
C GLY A 604 -11.69 -5.51 22.05
N CYS A 605 -11.71 -5.50 20.72
CA CYS A 605 -12.56 -6.42 19.96
C CYS A 605 -12.10 -6.44 18.52
N LEU A 606 -12.78 -7.25 17.71
CA LEU A 606 -12.56 -7.33 16.27
C LEU A 606 -13.89 -7.38 15.55
N LEU A 607 -14.08 -6.48 14.57
CA LEU A 607 -15.19 -6.55 13.63
C LEU A 607 -14.65 -7.13 12.32
N ALA A 608 -15.01 -8.38 12.04
CA ALA A 608 -14.59 -9.06 10.82
C ALA A 608 -15.71 -9.18 9.80
N ASP A 609 -16.66 -8.27 9.83
CA ASP A 609 -17.75 -8.30 8.86
C ASP A 609 -17.22 -8.08 7.44
N ASP A 610 -17.99 -8.54 6.47
CA ASP A 610 -17.65 -8.24 5.08
C ASP A 610 -17.95 -6.79 4.75
N MET A 611 -17.26 -6.26 3.75
CA MET A 611 -17.54 -4.92 3.28
C MET A 611 -18.92 -4.87 2.64
N GLY A 612 -19.58 -3.72 2.77
CA GLY A 612 -20.93 -3.54 2.30
C GLY A 612 -22.00 -3.70 3.37
N LEU A 613 -21.64 -4.23 4.54
CA LEU A 613 -22.58 -4.31 5.65
C LEU A 613 -22.65 -3.01 6.45
N GLY A 614 -21.76 -2.07 6.21
CA GLY A 614 -21.82 -0.79 6.89
C GLY A 614 -21.12 -0.78 8.24
N LYS A 615 -19.84 -1.17 8.27
CA LYS A 615 -19.07 -1.08 9.50
C LYS A 615 -19.01 0.37 9.99
N THR A 616 -18.92 1.31 9.05
CA THR A 616 -18.73 2.71 9.43
C THR A 616 -19.89 3.23 10.27
N LEU A 617 -21.12 2.90 9.89
CA LEU A 617 -22.27 3.41 10.63
C LEU A 617 -22.36 2.78 12.02
N GLN A 618 -22.07 1.49 12.15
CA GLN A 618 -22.09 0.86 13.46
C GLN A 618 -21.00 1.43 14.38
N ILE A 619 -19.78 1.57 13.84
CA ILE A 619 -18.70 2.13 14.64
C ILE A 619 -19.04 3.56 15.06
N LEU A 620 -19.57 4.37 14.14
CA LEU A 620 -19.88 5.75 14.48
C LEU A 620 -21.02 5.83 15.47
N SER A 621 -22.02 4.95 15.35
CA SER A 621 -23.10 4.93 16.33
C SER A 621 -22.56 4.60 17.71
N PHE A 622 -21.66 3.62 17.79
CA PHE A 622 -21.07 3.25 19.08
C PHE A 622 -20.24 4.40 19.65
N LEU A 623 -19.44 5.07 18.80
CA LEU A 623 -18.63 6.18 19.26
C LEU A 623 -19.48 7.34 19.74
N VAL A 624 -20.52 7.71 18.99
CA VAL A 624 -21.35 8.84 19.38
C VAL A 624 -22.16 8.52 20.63
N TRP A 625 -22.60 7.26 20.77
CA TRP A 625 -23.24 6.85 22.01
C TRP A 625 -22.30 7.02 23.19
N PHE A 626 -21.04 6.60 23.04
CA PHE A 626 -20.07 6.81 24.09
C PHE A 626 -19.87 8.30 24.38
N ILE A 627 -19.78 9.12 23.33
CA ILE A 627 -19.50 10.54 23.51
C ILE A 627 -20.62 11.21 24.28
N GLU A 628 -21.88 10.93 23.93
CA GLU A 628 -22.98 11.53 24.69
C GLU A 628 -23.06 10.96 26.10
N LYS A 629 -22.96 9.65 26.25
CA LYS A 629 -23.21 9.06 27.57
C LYS A 629 -22.06 9.31 28.53
N PHE A 630 -20.84 9.48 28.01
CA PHE A 630 -19.65 9.73 28.81
C PHE A 630 -18.94 10.96 28.25
N PRO A 631 -19.41 12.16 28.59
CA PRO A 631 -18.86 13.38 27.98
C PRO A 631 -17.56 13.87 28.60
N GLN A 632 -17.11 13.29 29.71
CA GLN A 632 -15.91 13.75 30.38
C GLN A 632 -14.70 12.85 30.13
N GLU A 633 -14.85 11.83 29.30
CA GLU A 633 -13.79 10.87 29.06
C GLU A 633 -12.84 11.36 27.96
N PRO A 634 -11.64 10.79 27.89
CA PRO A 634 -10.68 11.21 26.85
C PRO A 634 -11.21 10.92 25.46
N PRO A 635 -10.74 11.66 24.45
CA PRO A 635 -11.30 11.51 23.10
C PRO A 635 -11.08 10.13 22.48
N ASN A 636 -11.63 9.95 21.28
CA ASN A 636 -11.54 8.69 20.54
C ASN A 636 -10.66 8.88 19.33
N LEU A 637 -10.07 7.77 18.87
CA LEU A 637 -9.13 7.79 17.76
C LEU A 637 -9.57 6.79 16.70
N ILE A 638 -9.59 7.23 15.45
CA ILE A 638 -9.86 6.36 14.30
C ILE A 638 -8.65 6.43 13.39
N VAL A 639 -8.09 5.27 13.05
CA VAL A 639 -6.90 5.18 12.21
C VAL A 639 -7.29 4.45 10.93
N ALA A 640 -7.08 5.09 9.80
CA ALA A 640 -7.46 4.51 8.51
C ALA A 640 -6.66 5.22 7.41
N PRO A 641 -6.54 4.59 6.23
CA PRO A 641 -6.01 5.32 5.08
C PRO A 641 -6.72 6.65 4.84
N VAL A 642 -6.07 7.50 4.03
CA VAL A 642 -6.52 8.88 3.86
C VAL A 642 -7.89 8.94 3.20
N SER A 643 -8.05 8.24 2.08
CA SER A 643 -9.34 8.26 1.40
C SER A 643 -10.44 7.69 2.27
N LEU A 644 -10.15 6.62 2.99
CA LEU A 644 -11.13 6.08 3.94
C LEU A 644 -11.34 7.05 5.11
N LEU A 645 -10.34 7.85 5.45
CA LEU A 645 -10.55 8.85 6.50
C LEU A 645 -11.55 9.90 6.05
N ASP A 646 -11.41 10.37 4.81
CA ASP A 646 -12.42 11.26 4.23
C ASP A 646 -13.78 10.58 4.19
N ASN A 647 -13.79 9.27 3.91
CA ASN A 647 -15.03 8.51 3.93
C ASN A 647 -15.68 8.54 5.32
N TRP A 648 -14.88 8.30 6.37
CA TRP A 648 -15.41 8.33 7.74
C TRP A 648 -15.98 9.71 8.06
N GLU A 649 -15.24 10.76 7.71
CA GLU A 649 -15.72 12.11 7.98
C GLU A 649 -17.03 12.39 7.27
N ARG A 650 -17.11 12.00 5.99
CA ARG A 650 -18.33 12.24 5.21
C ARG A 650 -19.51 11.46 5.78
N GLU A 651 -19.30 10.19 6.15
CA GLU A 651 -20.40 9.40 6.69
C GLU A 651 -20.86 9.94 8.02
N LEU A 652 -19.93 10.38 8.87
CA LEU A 652 -20.32 11.00 10.13
C LEU A 652 -21.15 12.26 9.89
N ASN A 653 -20.74 13.08 8.93
CA ASN A 653 -21.52 14.27 8.62
C ASN A 653 -22.89 13.93 8.05
N ASN A 654 -22.99 12.84 7.28
CA ASN A 654 -24.28 12.46 6.71
C ASN A 654 -25.24 11.91 7.76
N PHE A 655 -24.75 11.05 8.65
CA PHE A 655 -25.64 10.30 9.53
C PHE A 655 -25.96 11.02 10.83
N PHE A 656 -25.06 11.85 11.36
CA PHE A 656 -25.23 12.39 12.70
C PHE A 656 -25.20 13.91 12.66
N TYR A 657 -25.78 14.50 13.72
CA TYR A 657 -25.70 15.94 13.95
C TYR A 657 -24.36 16.23 14.60
N THR A 658 -23.42 16.77 13.82
CA THR A 658 -22.04 16.94 14.23
C THR A 658 -21.86 18.06 15.25
N ALA A 659 -22.90 18.87 15.50
CA ALA A 659 -22.75 20.04 16.36
C ALA A 659 -22.18 19.67 17.73
N GLY A 660 -22.62 18.56 18.30
CA GLY A 660 -22.08 18.08 19.56
C GLY A 660 -20.92 17.13 19.43
N ILE A 661 -20.40 16.91 18.22
CA ILE A 661 -19.33 15.95 17.99
C ILE A 661 -18.20 16.65 17.25
N PRO A 662 -17.32 17.36 17.94
CA PRO A 662 -16.17 17.97 17.25
C PRO A 662 -15.21 16.90 16.78
N VAL A 663 -14.62 17.13 15.60
CA VAL A 663 -13.74 16.15 14.97
C VAL A 663 -12.45 16.85 14.58
N LEU A 664 -11.33 16.21 14.89
CA LEU A 664 -10.01 16.69 14.49
C LEU A 664 -9.45 15.73 13.44
N LYS A 665 -9.07 16.28 12.29
CA LYS A 665 -8.55 15.49 11.17
C LYS A 665 -7.03 15.63 11.17
N LEU A 666 -6.34 14.71 11.84
CA LEU A 666 -4.89 14.80 12.02
C LEU A 666 -4.19 14.28 10.77
N TYR A 667 -4.35 15.04 9.69
CA TYR A 667 -3.67 14.75 8.43
C TYR A 667 -3.75 15.98 7.54
N GLY A 668 -2.74 16.14 6.68
CA GLY A 668 -2.76 17.22 5.70
C GLY A 668 -2.37 18.53 6.33
N GLU A 669 -3.11 19.59 5.99
CA GLU A 669 -2.80 20.91 6.53
C GLU A 669 -3.04 20.97 8.04
N THR A 670 -4.04 20.22 8.52
CA THR A 670 -4.45 20.34 9.92
C THR A 670 -3.36 19.85 10.86
N ILE A 671 -2.64 18.78 10.52
CA ILE A 671 -1.56 18.32 11.39
C ILE A 671 -0.40 19.32 11.41
N LYS A 672 -0.08 19.90 10.26
CA LYS A 672 0.97 20.94 10.25
C LYS A 672 0.53 22.16 11.03
N ALA A 673 -0.77 22.38 11.15
CA ALA A 673 -1.26 23.50 11.96
C ALA A 673 -1.01 23.27 13.44
N VAL A 674 -1.14 22.02 13.91
CA VAL A 674 -1.06 21.71 15.33
C VAL A 674 0.32 21.17 15.72
N LYS A 675 1.33 21.38 14.89
CA LYS A 675 2.66 20.86 15.15
C LYS A 675 3.58 21.96 15.68
N TYR A 676 4.51 21.56 16.53
CA TYR A 676 5.55 22.48 16.98
C TYR A 676 6.43 22.91 15.81
N PRO A 677 6.83 24.18 15.75
CA PRO A 677 8.03 24.52 14.99
C PRO A 677 9.23 23.84 15.63
N LYS A 678 10.19 23.45 14.80
CA LYS A 678 11.29 22.61 15.28
C LYS A 678 12.11 23.32 16.36
N GLN A 679 12.09 24.64 16.39
CA GLN A 679 12.84 25.40 17.39
C GLN A 679 12.05 25.67 18.66
N ALA A 680 10.75 25.36 18.69
CA ALA A 680 9.90 25.66 19.84
C ALA A 680 9.67 24.46 20.75
N ILE A 681 10.24 23.30 20.42
CA ILE A 681 10.08 22.10 21.25
C ILE A 681 10.80 22.31 22.57
N PRO A 682 10.28 21.81 23.71
CA PRO A 682 10.95 22.01 24.99
C PRO A 682 12.39 21.51 24.98
N ALA A 683 13.18 22.10 25.87
CA ALA A 683 14.62 21.87 25.87
C ALA A 683 14.95 20.41 26.17
N HIS A 684 14.29 19.81 27.15
CA HIS A 684 14.60 18.42 27.51
C HIS A 684 14.17 17.47 26.41
N LEU A 685 13.06 17.77 25.73
CA LEU A 685 12.62 16.92 24.63
C LEU A 685 13.57 17.02 23.44
N GLN A 686 14.09 18.22 23.16
CA GLN A 686 15.12 18.35 22.14
C GLN A 686 16.40 17.62 22.55
N SER A 687 16.73 17.66 23.83
CA SER A 687 17.88 16.90 24.33
C SER A 687 17.66 15.40 24.15
N LYS A 688 16.41 14.96 24.22
CA LYS A 688 16.07 13.57 23.94
C LYS A 688 16.16 13.24 22.45
N GLY A 689 16.39 14.22 21.59
CA GLY A 689 16.44 14.00 20.17
C GLY A 689 15.12 14.15 19.45
N ILE A 690 14.09 14.62 20.13
CA ILE A 690 12.75 14.74 19.56
C ILE A 690 12.69 16.04 18.75
N LYS A 691 12.51 15.91 17.45
CA LYS A 691 12.41 17.04 16.54
C LYS A 691 11.02 17.18 15.93
N ASN A 692 10.12 16.25 16.25
CA ASN A 692 8.73 16.30 15.82
C ASN A 692 7.85 16.17 17.05
N LEU A 693 6.89 17.08 17.20
CA LEU A 693 6.00 17.06 18.34
C LEU A 693 4.76 17.87 18.03
N LEU A 694 3.66 17.55 18.71
CA LEU A 694 2.42 18.28 18.59
C LEU A 694 2.27 19.22 19.79
N LYS A 695 1.71 20.40 19.54
CA LYS A 695 1.53 21.40 20.59
C LYS A 695 0.55 20.89 21.64
N PRO A 696 0.76 21.22 22.90
CA PRO A 696 -0.20 20.89 23.95
C PRO A 696 -1.61 21.37 23.58
N GLY A 697 -2.59 20.53 23.85
CA GLY A 697 -3.95 20.87 23.47
C GLY A 697 -4.23 20.78 22.00
N TRP A 698 -3.44 20.00 21.26
CA TRP A 698 -3.69 19.84 19.82
C TRP A 698 -5.05 19.21 19.57
N GLN A 699 -5.52 18.35 20.48
CA GLN A 699 -6.86 17.81 20.38
C GLN A 699 -7.91 18.90 20.49
N GLY A 700 -7.72 19.83 21.42
CA GLY A 700 -8.70 20.89 21.59
C GLY A 700 -9.98 20.36 22.19
N GLU A 701 -11.11 20.73 21.57
CA GLU A 701 -12.42 20.26 21.99
C GLU A 701 -12.88 19.03 21.22
N ALA A 702 -12.05 18.51 20.32
CA ALA A 702 -12.45 17.38 19.49
C ALA A 702 -12.67 16.14 20.33
N LYS A 703 -13.77 15.43 20.06
CA LYS A 703 -14.07 14.16 20.70
C LYS A 703 -13.64 12.96 19.86
N ILE A 704 -13.53 13.13 18.55
CA ILE A 704 -13.01 12.10 17.66
C ILE A 704 -11.86 12.71 16.85
N ILE A 705 -10.71 12.06 16.88
CA ILE A 705 -9.56 12.46 16.09
C ILE A 705 -9.35 11.42 14.99
N LEU A 706 -9.31 11.88 13.76
CA LEU A 706 -9.08 11.05 12.59
C LEU A 706 -7.63 11.14 12.18
N THR A 707 -6.98 10.01 11.94
CA THR A 707 -5.56 10.01 11.62
C THR A 707 -5.24 8.81 10.74
N THR A 708 -4.09 8.88 10.08
CA THR A 708 -3.64 7.86 9.16
C THR A 708 -2.64 6.93 9.85
N TYR A 709 -2.48 5.73 9.29
CA TYR A 709 -1.51 4.79 9.83
C TYR A 709 -0.09 5.36 9.72
N GLU A 710 0.21 6.02 8.59
CA GLU A 710 1.48 6.71 8.47
C GLU A 710 1.60 7.83 9.50
N THR A 711 0.51 8.57 9.73
CA THR A 711 0.50 9.57 10.79
C THR A 711 0.59 8.92 12.16
N LEU A 712 0.01 7.74 12.33
CA LEU A 712 0.15 7.01 13.58
C LEU A 712 1.62 6.68 13.86
N ARG A 713 2.35 6.25 12.83
CA ARG A 713 3.78 5.96 12.98
C ARG A 713 4.57 7.24 13.21
N ASP A 714 4.25 8.31 12.48
CA ASP A 714 5.05 9.53 12.53
C ASP A 714 4.81 10.30 13.82
N GLN A 715 3.62 10.19 14.41
CA GLN A 715 3.28 10.92 15.62
C GLN A 715 3.02 9.97 16.79
N GLU A 716 3.72 8.83 16.81
CA GLU A 716 3.51 7.84 17.86
C GLU A 716 3.76 8.42 19.24
N PHE A 717 4.80 9.25 19.37
CA PHE A 717 5.14 9.80 20.68
C PHE A 717 4.01 10.69 21.20
N SER A 718 3.56 11.64 20.40
CA SER A 718 2.51 12.56 20.83
C SER A 718 1.18 11.84 21.03
N LEU A 719 0.84 10.92 20.11
CA LEU A 719 -0.42 10.20 20.24
C LEU A 719 -0.41 9.29 21.45
N ALA A 720 0.75 8.74 21.80
CA ALA A 720 0.87 7.82 22.92
C ALA A 720 1.04 8.52 24.26
N ARG A 721 1.38 9.81 24.26
CA ARG A 721 1.38 10.55 25.52
C ARG A 721 -0.05 10.72 26.05
N GLN A 722 -1.01 10.99 25.18
CA GLN A 722 -2.37 11.33 25.63
C GLN A 722 -3.21 10.10 25.99
N PRO A 723 -4.26 10.24 26.84
CA PRO A 723 -5.16 9.07 27.01
C PRO A 723 -6.23 8.99 25.95
N TRP A 724 -6.68 7.77 25.62
CA TRP A 724 -7.75 7.60 24.66
C TRP A 724 -8.82 6.68 25.25
N SER A 725 -10.04 6.85 24.77
CA SER A 725 -11.15 6.01 25.18
C SER A 725 -11.34 4.83 24.24
N ILE A 726 -11.59 5.10 22.96
CA ILE A 726 -11.78 4.06 21.96
C ILE A 726 -10.82 4.34 20.81
N MET A 727 -10.06 3.32 20.41
CA MET A 727 -9.16 3.41 19.27
C MET A 727 -9.66 2.43 18.21
N VAL A 728 -10.12 2.96 17.09
CA VAL A 728 -10.63 2.15 15.98
C VAL A 728 -9.58 2.13 14.90
N CYS A 729 -9.09 0.93 14.57
CA CYS A 729 -8.12 0.74 13.50
C CYS A 729 -8.86 0.16 12.29
N ASP A 730 -9.39 1.05 11.45
CA ASP A 730 -10.06 0.63 10.24
C ASP A 730 -9.06 0.00 9.28
N GLU A 731 -9.49 -1.07 8.61
CA GLU A 731 -8.59 -1.91 7.80
C GLU A 731 -7.41 -2.38 8.64
N ALA A 732 -7.74 -3.18 9.66
CA ALA A 732 -6.74 -3.66 10.61
C ALA A 732 -5.71 -4.60 9.99
N GLN A 733 -5.80 -4.89 8.69
CA GLN A 733 -4.75 -5.68 8.06
C GLN A 733 -3.48 -4.85 7.83
N LYS A 734 -3.51 -3.54 8.12
CA LYS A 734 -2.28 -2.77 8.12
C LYS A 734 -1.37 -3.15 9.29
N ILE A 735 -1.96 -3.57 10.40
CA ILE A 735 -1.19 -3.91 11.60
C ILE A 735 -1.14 -5.42 11.78
N LYS A 736 -1.27 -6.16 10.67
CA LYS A 736 -1.18 -7.61 10.75
C LYS A 736 0.24 -8.10 10.96
N ASN A 737 1.24 -7.26 10.68
CA ASN A 737 2.64 -7.64 10.88
C ASN A 737 3.06 -7.26 12.29
N PRO A 738 3.41 -8.21 13.15
CA PRO A 738 3.73 -7.86 14.55
C PRO A 738 4.91 -6.91 14.69
N ALA A 739 5.91 -7.00 13.81
CA ALA A 739 7.14 -6.25 13.96
C ALA A 739 7.17 -4.95 13.17
N ALA A 740 6.08 -4.58 12.51
CA ALA A 740 6.05 -3.32 11.77
C ALA A 740 5.99 -2.13 12.72
N LEU A 741 6.62 -1.04 12.31
CA LEU A 741 6.59 0.18 13.13
C LEU A 741 5.19 0.75 13.25
N ILE A 742 4.37 0.56 12.22
CA ILE A 742 2.97 0.97 12.33
C ILE A 742 2.23 0.13 13.36
N THR A 743 2.52 -1.17 13.41
CA THR A 743 1.94 -2.03 14.44
C THR A 743 2.42 -1.63 15.83
N HIS A 744 3.71 -1.30 15.97
CA HIS A 744 4.21 -0.83 17.25
C HIS A 744 3.55 0.47 17.66
N ALA A 745 3.29 1.36 16.70
CA ALA A 745 2.60 2.61 17.02
C ALA A 745 1.15 2.35 17.43
N ALA A 746 0.48 1.42 16.76
CA ALA A 746 -0.90 1.09 17.11
C ALA A 746 -0.98 0.48 18.50
N ASN A 747 -0.04 -0.40 18.84
CA ASN A 747 -0.04 -0.99 20.18
C ASN A 747 0.43 0.01 21.24
N ALA A 748 1.30 0.95 20.87
CA ALA A 748 1.84 1.90 21.83
C ALA A 748 0.76 2.81 22.38
N VAL A 749 -0.16 3.25 21.51
CA VAL A 749 -1.26 4.09 21.97
C VAL A 749 -2.09 3.32 22.97
N GLN A 750 -2.35 3.92 24.13
CA GLN A 750 -3.07 3.27 25.21
C GLN A 750 -4.50 3.78 25.22
N ALA A 751 -5.45 2.90 24.90
CA ALA A 751 -6.86 3.22 24.86
C ALA A 751 -7.63 2.23 25.71
N ARG A 752 -8.76 2.68 26.24
CA ARG A 752 -9.60 1.80 27.05
C ARG A 752 -10.15 0.65 26.21
N PHE A 753 -10.60 0.94 24.99
CA PHE A 753 -11.15 -0.08 24.09
C PHE A 753 -10.52 0.10 22.73
N LYS A 754 -10.16 -1.01 22.09
CA LYS A 754 -9.51 -0.97 20.78
C LYS A 754 -10.27 -1.87 19.82
N VAL A 755 -10.79 -1.29 18.75
CA VAL A 755 -11.61 -2.01 17.79
C VAL A 755 -10.80 -2.20 16.51
N ALA A 756 -10.60 -3.45 16.13
CA ALA A 756 -9.96 -3.80 14.87
C ALA A 756 -11.05 -4.07 13.84
N CYS A 757 -11.04 -3.32 12.75
CA CYS A 757 -12.07 -3.41 11.72
C CYS A 757 -11.41 -3.83 10.41
N THR A 758 -11.62 -5.09 10.02
CA THR A 758 -11.14 -5.56 8.73
C THR A 758 -12.01 -6.73 8.29
N GLY A 759 -12.27 -6.79 6.98
CA GLY A 759 -13.04 -7.90 6.44
C GLY A 759 -12.25 -9.19 6.33
N THR A 760 -10.92 -9.11 6.30
CA THR A 760 -10.05 -10.27 6.17
C THR A 760 -9.02 -10.24 7.31
N PRO A 761 -9.39 -10.72 8.49
CA PRO A 761 -8.40 -10.81 9.58
C PRO A 761 -7.19 -11.63 9.21
N VAL A 762 -7.37 -12.70 8.44
CA VAL A 762 -6.29 -13.59 8.03
C VAL A 762 -6.09 -13.44 6.54
N GLU A 763 -4.91 -12.98 6.13
CA GLU A 763 -4.56 -12.81 4.73
C GLU A 763 -3.54 -13.83 4.26
N ASN A 764 -2.47 -14.03 5.02
CA ASN A 764 -1.44 -15.01 4.69
C ASN A 764 -1.34 -16.12 5.73
N THR A 765 -1.21 -15.78 7.00
CA THR A 765 -1.09 -16.76 8.07
C THR A 765 -1.99 -16.35 9.23
N LEU A 766 -2.08 -17.24 10.22
CA LEU A 766 -2.81 -16.93 11.44
C LEU A 766 -2.06 -15.97 12.34
N VAL A 767 -0.77 -15.71 12.04
CA VAL A 767 -0.04 -14.68 12.76
C VAL A 767 -0.70 -13.32 12.55
N ASP A 768 -1.38 -13.14 11.41
CA ASP A 768 -2.15 -11.92 11.20
C ASP A 768 -3.24 -11.79 12.25
N LEU A 769 -3.98 -12.86 12.50
CA LEU A 769 -5.02 -12.83 13.53
C LEU A 769 -4.41 -12.65 14.91
N TRP A 770 -3.24 -13.28 15.15
CA TRP A 770 -2.57 -13.07 16.43
C TRP A 770 -2.21 -11.62 16.64
N SER A 771 -1.69 -10.96 15.61
CA SER A 771 -1.35 -9.54 15.72
C SER A 771 -2.59 -8.69 15.94
N LEU A 772 -3.68 -9.00 15.23
CA LEU A 772 -4.90 -8.24 15.39
C LEU A 772 -5.44 -8.35 16.82
N PHE A 773 -5.40 -9.56 17.40
CA PHE A 773 -5.90 -9.70 18.76
C PHE A 773 -4.91 -9.23 19.82
N ASP A 774 -3.61 -9.27 19.53
CA ASP A 774 -2.65 -8.64 20.43
C ASP A 774 -2.85 -7.14 20.46
N PHE A 775 -3.29 -6.56 19.34
CA PHE A 775 -3.72 -5.17 19.34
C PHE A 775 -5.00 -5.00 20.14
N ALA A 776 -5.99 -5.86 19.90
CA ALA A 776 -7.31 -5.68 20.50
C ALA A 776 -7.35 -6.19 21.94
N GLN A 777 -7.06 -7.47 22.15
CA GLN A 777 -7.08 -8.11 23.47
C GLN A 777 -5.77 -8.77 23.74
N PRO A 778 -4.77 -8.05 24.23
CA PRO A 778 -3.45 -8.57 24.51
C PRO A 778 -3.53 -9.70 25.52
N GLY A 779 -2.83 -10.76 25.22
CA GLY A 779 -2.76 -11.91 26.09
C GLY A 779 -3.86 -12.94 25.89
N LEU A 780 -4.85 -12.65 25.03
CA LEU A 780 -5.90 -13.63 24.76
C LEU A 780 -5.33 -14.88 24.09
N LEU A 781 -4.53 -14.68 23.04
CA LEU A 781 -3.90 -15.77 22.32
C LEU A 781 -2.53 -16.12 22.86
N GLY A 782 -2.11 -15.47 23.95
CA GLY A 782 -0.81 -15.73 24.53
C GLY A 782 0.31 -15.13 23.71
N ALA A 783 1.52 -15.62 23.97
CA ALA A 783 2.68 -15.16 23.23
C ALA A 783 2.65 -15.69 21.80
N LEU A 784 3.44 -15.03 20.94
CA LEU A 784 3.44 -15.41 19.54
C LEU A 784 4.05 -16.79 19.31
N ASN A 785 5.07 -17.16 20.08
CA ASN A 785 5.72 -18.44 19.89
C ASN A 785 4.78 -19.60 20.23
N GLU A 786 4.09 -19.51 21.37
CA GLU A 786 3.18 -20.58 21.75
C GLU A 786 1.97 -20.63 20.84
N PHE A 787 1.48 -19.47 20.41
CA PHE A 787 0.38 -19.45 19.44
C PHE A 787 0.81 -20.11 18.13
N GLY A 788 2.03 -19.83 17.67
CA GLY A 788 2.51 -20.45 16.45
C GLY A 788 2.67 -21.95 16.59
N LYS A 789 3.29 -22.42 17.68
CA LYS A 789 3.48 -23.84 17.85
C LYS A 789 2.20 -24.57 18.20
N GLN A 790 1.14 -23.84 18.55
CA GLN A 790 -0.14 -24.44 18.89
C GLN A 790 -1.19 -24.26 17.81
N TYR A 791 -1.09 -23.22 16.98
CA TYR A 791 -2.11 -22.92 15.99
C TYR A 791 -1.60 -22.70 14.58
N VAL A 792 -0.30 -22.48 14.38
CA VAL A 792 0.24 -22.15 13.06
C VAL A 792 1.00 -23.34 12.46
N ARG A 793 2.02 -23.84 13.15
CA ARG A 793 2.85 -24.91 12.60
C ARG A 793 2.06 -26.16 12.28
N PRO A 794 1.10 -26.62 13.10
CA PRO A 794 0.49 -27.88 12.87
C PRO A 794 -0.81 -27.82 12.08
N ILE A 795 -1.13 -26.66 11.49
CA ILE A 795 -2.22 -26.55 10.53
C ILE A 795 -1.66 -25.93 9.26
N GLU A 796 -0.59 -25.14 9.42
CA GLU A 796 0.01 -24.43 8.29
C GLU A 796 1.49 -24.78 8.16
N THR A 803 -11.47 -28.94 11.75
CA THR A 803 -10.24 -29.20 12.48
C THR A 803 -10.41 -28.84 13.95
N GLU A 804 -9.88 -29.69 14.84
CA GLU A 804 -10.07 -29.49 16.27
C GLU A 804 -9.34 -28.24 16.76
N ARG A 805 -8.11 -28.01 16.30
CA ARG A 805 -7.38 -26.83 16.73
C ARG A 805 -8.02 -25.57 16.17
N LEU A 806 -8.47 -25.63 14.91
CA LEU A 806 -9.16 -24.48 14.31
C LEU A 806 -10.43 -24.16 15.07
N GLU A 807 -11.22 -25.18 15.43
CA GLU A 807 -12.44 -24.93 16.18
C GLU A 807 -12.14 -24.41 17.59
N SER A 808 -11.06 -24.90 18.20
CA SER A 808 -10.67 -24.38 19.51
C SER A 808 -10.30 -22.92 19.45
N LEU A 809 -9.54 -22.53 18.41
CA LEU A 809 -9.18 -21.13 18.25
C LEU A 809 -10.42 -20.28 17.96
N ARG A 810 -11.35 -20.80 17.16
CA ARG A 810 -12.60 -20.10 16.92
C ARG A 810 -13.38 -19.87 18.21
N ALA A 811 -13.48 -20.90 19.06
CA ALA A 811 -14.18 -20.74 20.33
C ALA A 811 -13.44 -19.76 21.24
N LEU A 812 -12.11 -19.75 21.17
CA LEU A 812 -11.33 -18.82 21.97
C LEU A 812 -11.60 -17.37 21.56
N ILE A 813 -11.69 -17.10 20.26
CA ILE A 813 -11.86 -15.72 19.80
C ILE A 813 -13.31 -15.32 19.57
N GLU A 814 -14.27 -16.24 19.71
CA GLU A 814 -15.66 -15.92 19.41
C GLU A 814 -16.23 -14.81 20.30
N PRO A 815 -16.05 -14.81 21.62
CA PRO A 815 -16.64 -13.72 22.42
C PRO A 815 -16.21 -12.34 21.98
N GLN A 816 -14.99 -12.20 21.48
CA GLN A 816 -14.44 -10.89 21.14
C GLN A 816 -14.60 -10.55 19.67
N THR A 817 -15.09 -11.48 18.85
CA THR A 817 -15.17 -11.31 17.40
C THR A 817 -16.63 -11.28 16.96
N LEU A 818 -16.97 -10.32 16.10
CA LEU A 818 -18.27 -10.27 15.45
C LEU A 818 -18.05 -10.31 13.95
N ARG A 819 -18.49 -11.39 13.31
CA ARG A 819 -18.41 -11.53 11.86
C ARG A 819 -19.79 -11.88 11.33
N ARG A 820 -20.25 -11.10 10.36
CA ARG A 820 -21.49 -11.37 9.64
C ARG A 820 -21.21 -11.20 8.16
N THR A 821 -21.62 -12.18 7.37
CA THR A 821 -21.41 -12.15 5.94
C THR A 821 -22.66 -11.65 5.22
N LYS A 822 -22.52 -11.42 3.92
CA LYS A 822 -23.63 -10.88 3.14
C LYS A 822 -24.76 -11.89 3.01
N GLU A 823 -24.43 -13.18 2.90
CA GLU A 823 -25.46 -14.20 2.81
C GLU A 823 -26.22 -14.40 4.11
N GLU A 824 -25.64 -14.00 5.25
CA GLU A 824 -26.41 -13.98 6.50
C GLU A 824 -27.37 -12.80 6.55
N VAL A 825 -27.01 -11.68 5.95
CA VAL A 825 -27.83 -10.47 5.98
C VAL A 825 -28.47 -10.27 4.62
N ALA A 826 -28.66 -11.36 3.88
CA ALA A 826 -29.26 -11.29 2.56
C ALA A 826 -30.72 -10.88 2.60
N ARG A 827 -31.35 -10.87 3.77
CA ARG A 827 -32.73 -10.42 3.88
C ARG A 827 -32.88 -8.97 3.46
N ASP A 828 -31.86 -8.13 3.67
CA ASP A 828 -31.90 -6.73 3.27
C ASP A 828 -31.33 -6.50 1.89
N LEU A 829 -30.67 -7.50 1.29
CA LEU A 829 -30.01 -7.39 0.00
C LEU A 829 -30.75 -8.26 -1.01
N PRO A 830 -31.47 -7.73 -1.90
CA PRO A 830 -32.52 -8.45 -2.61
C PRO A 830 -32.05 -9.37 -3.74
N GLN A 831 -31.96 -10.66 -3.44
CA GLN A 831 -31.98 -11.75 -4.42
C GLN A 831 -30.88 -11.58 -5.48
N LYS A 832 -29.64 -11.76 -5.03
CA LYS A 832 -28.49 -11.87 -5.95
C LYS A 832 -28.57 -13.21 -6.67
N ILE A 833 -28.91 -13.17 -7.95
CA ILE A 833 -29.10 -14.39 -8.75
C ILE A 833 -27.86 -14.62 -9.60
N GLU A 834 -27.33 -15.84 -9.55
CA GLU A 834 -26.23 -16.26 -10.41
C GLU A 834 -26.83 -17.06 -11.56
N VAL A 835 -26.80 -16.48 -12.77
CA VAL A 835 -27.41 -17.11 -13.93
C VAL A 835 -26.60 -18.32 -14.33
N GLU A 836 -27.28 -19.45 -14.54
CA GLU A 836 -26.61 -20.71 -14.85
C GLU A 836 -26.52 -20.98 -16.34
N SER A 837 -27.38 -20.37 -17.15
CA SER A 837 -27.36 -20.65 -18.59
C SER A 837 -26.10 -20.13 -19.24
N CYS A 838 -25.61 -18.97 -18.80
CA CYS A 838 -24.38 -18.40 -19.34
C CYS A 838 -23.17 -19.28 -19.05
N LYS A 839 -23.26 -20.17 -18.06
CA LYS A 839 -22.12 -20.97 -17.62
C LYS A 839 -21.94 -22.23 -18.45
N GLN A 840 -22.84 -22.50 -19.40
CA GLN A 840 -22.79 -23.70 -20.23
C GLN A 840 -22.58 -23.36 -21.71
N LEU A 841 -21.70 -22.40 -21.99
CA LEU A 841 -21.37 -22.07 -23.37
C LEU A 841 -20.37 -23.08 -23.93
N THR A 842 -20.41 -23.27 -25.24
CA THR A 842 -19.63 -24.31 -25.90
C THR A 842 -18.56 -23.69 -26.81
N LEU A 843 -17.39 -24.33 -26.87
CA LEU A 843 -16.36 -23.88 -27.78
C LEU A 843 -16.84 -23.98 -29.22
N SER A 844 -16.48 -22.98 -30.02
CA SER A 844 -16.58 -23.13 -31.46
C SER A 844 -15.49 -24.07 -31.96
N GLY A 845 -15.68 -24.58 -33.18
CA GLY A 845 -14.68 -25.48 -33.73
C GLY A 845 -13.33 -24.82 -33.89
N VAL A 846 -13.31 -23.61 -34.46
CA VAL A 846 -12.04 -22.93 -34.70
C VAL A 846 -11.41 -22.46 -33.39
N GLN A 847 -12.23 -21.96 -32.46
CA GLN A 847 -11.72 -21.62 -31.14
C GLN A 847 -11.09 -22.82 -30.46
N LYS A 848 -11.76 -23.97 -30.58
CA LYS A 848 -11.26 -25.21 -29.98
C LYS A 848 -9.94 -25.65 -30.60
N GLN A 849 -9.85 -25.63 -31.93
CA GLN A 849 -8.59 -25.98 -32.58
C GLN A 849 -7.49 -25.01 -32.16
N LEU A 850 -7.83 -23.74 -31.99
CA LEU A 850 -6.83 -22.76 -31.54
C LEU A 850 -6.35 -23.07 -30.13
N TYR A 851 -7.27 -23.46 -29.24
CA TYR A 851 -6.86 -23.83 -27.89
C TYR A 851 -5.97 -25.06 -27.85
N LEU A 852 -6.34 -26.09 -28.61
CA LEU A 852 -5.51 -27.29 -28.67
C LEU A 852 -4.14 -26.98 -29.27
N SER A 853 -4.10 -26.13 -30.31
CA SER A 853 -2.82 -25.73 -30.87
C SER A 853 -2.00 -24.94 -29.87
N SER A 854 -2.66 -24.09 -29.06
CA SER A 854 -1.95 -23.37 -28.01
C SER A 854 -1.26 -24.32 -27.07
N VAL A 855 -2.01 -25.31 -26.56
CA VAL A 855 -1.42 -26.28 -25.64
C VAL A 855 -0.29 -27.05 -26.32
N ALA A 856 -0.49 -27.46 -27.57
CA ALA A 856 0.51 -28.24 -28.28
C ALA A 856 1.80 -27.44 -28.48
N ASN A 857 1.69 -26.20 -28.94
CA ASN A 857 2.88 -25.38 -29.14
C ASN A 857 3.59 -25.08 -27.82
N TRP A 858 2.82 -24.82 -26.75
CA TRP A 858 3.46 -24.56 -25.47
C TRP A 858 4.23 -25.78 -24.98
N GLN A 859 3.63 -26.97 -25.11
CA GLN A 859 4.33 -28.18 -24.70
C GLN A 859 5.55 -28.45 -25.57
N GLN A 860 5.44 -28.18 -26.87
CA GLN A 860 6.57 -28.38 -27.78
C GLN A 860 7.72 -27.46 -27.41
N GLN A 861 7.42 -26.19 -27.11
CA GLN A 861 8.48 -25.27 -26.72
C GLN A 861 9.04 -25.60 -25.34
N GLN A 862 8.22 -26.14 -24.45
CA GLN A 862 8.72 -26.57 -23.15
C GLN A 862 9.67 -27.75 -23.30
N ALA A 863 9.36 -28.68 -24.20
CA ALA A 863 10.26 -29.80 -24.46
C ALA A 863 11.57 -29.32 -25.06
N LEU A 864 11.51 -28.36 -25.99
CA LEU A 864 12.71 -27.82 -26.60
C LEU A 864 13.50 -26.97 -25.62
N GLY A 874 6.54 -18.48 -18.41
CA GLY A 874 6.10 -19.40 -19.46
C GLY A 874 4.68 -19.86 -19.28
N MET A 875 4.34 -20.30 -18.06
CA MET A 875 2.97 -20.72 -17.77
C MET A 875 2.01 -19.54 -17.76
N LEU A 876 2.47 -18.37 -17.32
CA LEU A 876 1.63 -17.19 -17.35
C LEU A 876 1.19 -16.87 -18.77
N GLY A 877 2.12 -16.97 -19.73
CA GLY A 877 1.77 -16.70 -21.11
C GLY A 877 0.73 -17.68 -21.67
N LEU A 878 0.92 -18.97 -21.37
CA LEU A 878 -0.05 -19.96 -21.83
C LEU A 878 -1.42 -19.71 -21.22
N LEU A 879 -1.47 -19.46 -19.91
CA LEU A 879 -2.76 -19.22 -19.27
C LEU A 879 -3.43 -17.96 -19.80
N HIS A 880 -2.64 -16.90 -20.02
CA HIS A 880 -3.19 -15.67 -20.56
C HIS A 880 -3.72 -15.88 -21.98
N ARG A 881 -3.01 -16.63 -22.81
CA ARG A 881 -3.46 -16.77 -24.19
C ARG A 881 -4.66 -17.70 -24.28
N LEU A 882 -4.72 -18.71 -23.41
CA LEU A 882 -5.93 -19.53 -23.32
C LEU A 882 -7.11 -18.70 -22.84
N LYS A 883 -6.88 -17.81 -21.87
CA LYS A 883 -7.92 -16.89 -21.43
C LYS A 883 -8.41 -16.02 -22.58
N LEU A 884 -7.48 -15.56 -23.42
CA LEU A 884 -7.86 -14.76 -24.58
C LEU A 884 -8.67 -15.57 -25.59
N ILE A 885 -8.24 -16.81 -25.87
CA ILE A 885 -8.96 -17.65 -26.82
C ILE A 885 -10.38 -17.91 -26.32
N CYS A 886 -10.52 -18.23 -25.04
CA CYS A 886 -11.84 -18.48 -24.49
C CYS A 886 -12.71 -17.23 -24.57
N ALA A 887 -12.16 -16.08 -24.21
CA ALA A 887 -12.95 -14.85 -24.17
C ALA A 887 -13.28 -14.35 -25.58
N HIS A 888 -12.25 -14.00 -26.36
CA HIS A 888 -12.46 -13.48 -27.70
C HIS A 888 -11.36 -14.07 -28.61
N PRO A 889 -11.71 -15.08 -29.44
CA PRO A 889 -10.67 -15.61 -30.34
C PRO A 889 -10.07 -14.58 -31.31
N ALA A 890 -10.84 -13.57 -31.74
CA ALA A 890 -10.38 -12.65 -32.77
C ALA A 890 -9.18 -11.83 -32.31
N ILE A 891 -9.03 -11.61 -31.00
CA ILE A 891 -7.86 -10.90 -30.50
C ILE A 891 -6.59 -11.70 -30.75
N VAL A 892 -6.63 -13.01 -30.47
CA VAL A 892 -5.45 -13.85 -30.69
C VAL A 892 -5.11 -13.93 -32.17
N ASN A 893 -6.12 -14.17 -33.01
CA ASN A 893 -5.94 -14.21 -34.45
C ASN A 893 -7.06 -13.42 -35.10
N PRO A 894 -6.76 -12.33 -35.80
CA PRO A 894 -7.80 -11.53 -36.45
C PRO A 894 -8.41 -12.14 -37.70
N GLU A 895 -8.18 -13.43 -37.94
CA GLU A 895 -8.63 -14.08 -39.15
C GLU A 895 -10.16 -14.13 -39.18
N PRO A 896 -10.73 -14.15 -40.39
CA PRO A 896 -12.19 -14.15 -40.54
C PRO A 896 -12.92 -15.21 -39.73
N ARG A 897 -12.28 -16.35 -39.46
CA ARG A 897 -12.96 -17.44 -38.78
C ARG A 897 -13.39 -17.05 -37.37
N PHE A 898 -12.54 -16.31 -36.65
CA PHE A 898 -12.76 -16.05 -35.24
C PHE A 898 -13.66 -14.85 -34.95
N ARG A 899 -13.91 -13.98 -35.93
CA ARG A 899 -14.74 -12.81 -35.64
C ARG A 899 -16.19 -13.20 -35.39
N ASP A 900 -16.72 -14.14 -36.17
CA ASP A 900 -18.12 -14.53 -36.07
C ASP A 900 -18.34 -15.82 -35.29
N ASN A 901 -17.28 -16.41 -34.74
CA ASN A 901 -17.36 -17.68 -34.03
C ASN A 901 -16.89 -17.54 -32.59
N SER A 902 -17.33 -16.48 -31.91
CA SER A 902 -17.03 -16.28 -30.49
C SER A 902 -18.28 -16.56 -29.67
N PRO A 903 -18.36 -17.69 -28.98
CA PRO A 903 -19.56 -18.01 -28.21
C PRO A 903 -19.85 -17.01 -27.10
N LYS A 904 -18.81 -16.48 -26.45
CA LYS A 904 -19.04 -15.47 -25.42
C LYS A 904 -19.58 -14.18 -26.01
N LEU A 905 -19.04 -13.75 -27.16
CA LEU A 905 -19.55 -12.52 -27.79
C LEU A 905 -20.96 -12.72 -28.31
N ASN A 906 -21.24 -13.87 -28.92
CA ASN A 906 -22.59 -14.14 -29.39
C ASN A 906 -23.57 -14.16 -28.22
N TRP A 907 -23.19 -14.83 -27.12
CA TRP A 907 -24.05 -14.86 -25.94
C TRP A 907 -24.26 -13.47 -25.37
N LEU A 908 -23.21 -12.65 -25.36
CA LEU A 908 -23.33 -11.30 -24.83
C LEU A 908 -24.29 -10.47 -25.65
N LEU A 909 -24.14 -10.51 -26.97
CA LEU A 909 -25.05 -9.75 -27.84
C LEU A 909 -26.47 -10.24 -27.69
N LYS A 910 -26.66 -11.56 -27.59
CA LYS A 910 -28.00 -12.12 -27.43
C LYS A 910 -28.64 -11.66 -26.11
N ILE A 911 -27.90 -11.73 -25.01
CA ILE A 911 -28.50 -11.35 -23.74
C ILE A 911 -28.75 -9.85 -23.70
N LEU A 912 -27.86 -9.04 -24.27
CA LEU A 912 -28.09 -7.59 -24.27
C LEU A 912 -29.31 -7.25 -25.10
N ALA A 913 -29.52 -7.95 -26.22
CA ALA A 913 -30.75 -7.78 -26.97
C ALA A 913 -31.97 -8.14 -26.12
N GLU A 914 -31.89 -9.24 -25.37
CA GLU A 914 -33.00 -9.64 -24.52
C GLU A 914 -33.27 -8.61 -23.42
N ILE A 915 -32.22 -8.11 -22.77
CA ILE A 915 -32.38 -7.13 -21.70
C ILE A 915 -32.96 -5.84 -22.26
N LYS A 916 -32.48 -5.41 -23.43
CA LYS A 916 -33.01 -4.20 -24.06
C LYS A 916 -34.47 -4.37 -24.42
N HIS A 917 -34.86 -5.55 -24.92
CA HIS A 917 -36.23 -5.73 -25.38
C HIS A 917 -37.22 -5.92 -24.24
N THR A 918 -36.85 -6.64 -23.17
CA THR A 918 -37.82 -6.96 -22.14
C THR A 918 -37.86 -5.92 -21.01
N SER A 919 -36.74 -5.70 -20.35
CA SER A 919 -36.73 -4.93 -19.11
C SER A 919 -36.03 -3.59 -19.20
N LYS A 920 -35.16 -3.38 -20.19
CA LYS A 920 -34.43 -2.12 -20.37
C LYS A 920 -33.67 -1.73 -19.11
N ASP A 921 -32.81 -2.64 -18.65
CA ASP A 921 -31.96 -2.38 -17.50
C ASP A 921 -30.57 -1.96 -17.97
N LYS A 922 -29.76 -1.54 -16.99
CA LYS A 922 -28.38 -1.16 -17.23
C LYS A 922 -27.47 -2.34 -16.90
N VAL A 923 -26.41 -2.48 -17.69
CA VAL A 923 -25.57 -3.67 -17.67
C VAL A 923 -24.12 -3.28 -17.40
N ILE A 924 -23.46 -4.04 -16.53
CA ILE A 924 -22.04 -3.90 -16.28
C ILE A 924 -21.33 -5.12 -16.83
N ILE A 925 -20.32 -4.89 -17.67
CA ILE A 925 -19.40 -5.94 -18.10
C ILE A 925 -18.07 -5.68 -17.42
N PHE A 926 -17.59 -6.69 -16.69
CA PHE A 926 -16.30 -6.60 -16.01
C PHE A 926 -15.26 -7.36 -16.81
N THR A 927 -14.19 -6.66 -17.18
CA THR A 927 -13.03 -7.26 -17.83
C THR A 927 -11.87 -6.29 -17.67
N GLU A 928 -10.67 -6.85 -17.52
CA GLU A 928 -9.48 -6.06 -17.27
C GLU A 928 -8.59 -5.91 -18.51
N LEU A 929 -8.97 -6.50 -19.63
CA LEU A 929 -8.16 -6.47 -20.84
C LEU A 929 -8.58 -5.29 -21.69
N ARG A 930 -7.64 -4.39 -21.99
CA ARG A 930 -7.95 -3.18 -22.74
C ARG A 930 -8.45 -3.51 -24.14
N ASP A 931 -7.76 -4.44 -24.82
CA ASP A 931 -8.16 -4.82 -26.17
C ASP A 931 -9.53 -5.49 -26.19
N LEU A 932 -9.79 -6.37 -25.21
CA LEU A 932 -11.12 -6.96 -25.09
C LEU A 932 -12.17 -5.90 -24.80
N GLN A 933 -11.83 -4.91 -23.98
CA GLN A 933 -12.74 -3.80 -23.72
C GLN A 933 -13.10 -3.08 -25.02
N ARG A 934 -12.09 -2.80 -25.85
CA ARG A 934 -12.36 -2.12 -27.12
C ARG A 934 -13.20 -2.99 -28.04
N GLU A 935 -12.92 -4.29 -28.11
CA GLU A 935 -13.70 -5.18 -28.97
C GLU A 935 -15.15 -5.24 -28.52
N LEU A 936 -15.39 -5.37 -27.21
CA LEU A 936 -16.74 -5.39 -26.70
C LEU A 936 -17.46 -4.07 -26.95
N GLN A 937 -16.74 -2.94 -26.79
CA GLN A 937 -17.32 -1.64 -27.06
C GLN A 937 -17.73 -1.51 -28.52
N HIS A 938 -16.87 -1.96 -29.44
CA HIS A 938 -17.21 -1.90 -30.86
C HIS A 938 -18.40 -2.79 -31.18
N ALA A 939 -18.45 -3.99 -30.60
CA ALA A 939 -19.58 -4.88 -30.85
C ALA A 939 -20.89 -4.28 -30.34
N ILE A 940 -20.87 -3.73 -29.13
CA ILE A 940 -22.09 -3.14 -28.58
C ILE A 940 -22.51 -1.93 -29.40
N HIS A 941 -21.54 -1.14 -29.89
CA HIS A 941 -21.88 -0.02 -30.76
C HIS A 941 -22.52 -0.50 -32.05
N GLN A 942 -21.96 -1.55 -32.65
CA GLN A 942 -22.49 -2.04 -33.92
C GLN A 942 -23.91 -2.57 -33.77
N ASN A 943 -24.16 -3.39 -32.76
CA ASN A 943 -25.47 -4.01 -32.64
C ASN A 943 -26.48 -3.22 -31.82
N PHE A 944 -26.09 -2.11 -31.20
CA PHE A 944 -27.05 -1.33 -30.42
C PHE A 944 -26.93 0.18 -30.61
N GLY A 945 -25.99 0.66 -31.41
CA GLY A 945 -25.95 2.05 -31.80
C GLY A 945 -25.34 3.01 -30.80
N PHE A 946 -24.82 2.52 -29.68
CA PHE A 946 -24.18 3.40 -28.70
C PHE A 946 -22.88 2.76 -28.22
N ARG A 947 -21.89 3.62 -27.93
CA ARG A 947 -20.60 3.16 -27.47
C ARG A 947 -20.59 3.09 -25.95
N PRO A 948 -20.41 1.92 -25.35
CA PRO A 948 -20.29 1.85 -23.89
C PRO A 948 -19.03 2.56 -23.40
N VAL A 949 -19.14 3.14 -22.21
CA VAL A 949 -18.03 3.86 -21.60
C VAL A 949 -17.09 2.87 -20.92
N ILE A 950 -15.79 3.04 -21.13
CA ILE A 950 -14.77 2.17 -20.57
C ILE A 950 -14.01 2.92 -19.49
N ILE A 951 -13.90 2.33 -18.30
CA ILE A 951 -13.18 2.92 -17.18
C ILE A 951 -12.28 1.86 -16.56
N ASN A 952 -11.01 2.20 -16.36
CA ASN A 952 -10.03 1.27 -15.82
C ASN A 952 -9.23 1.80 -14.64
N GLY A 953 -9.26 3.09 -14.35
CA GLY A 953 -8.30 3.65 -13.43
C GLY A 953 -8.84 4.34 -12.19
N ASP A 954 -9.86 3.78 -11.57
CA ASP A 954 -10.37 4.34 -10.32
C ASP A 954 -9.26 4.37 -9.28
N SER A 955 -8.81 5.56 -8.91
CA SER A 955 -7.66 5.73 -8.01
C SER A 955 -7.97 6.82 -7.01
N SER A 956 -8.16 6.44 -5.75
CA SER A 956 -8.39 7.35 -4.61
C SER A 956 -9.51 8.32 -4.99
N THR A 957 -9.38 9.61 -4.73
CA THR A 957 -10.41 10.60 -5.00
C THR A 957 -9.77 11.99 -4.93
N LYS A 958 -10.61 13.02 -4.97
CA LYS A 958 -10.18 14.42 -4.87
C LYS A 958 -9.22 14.81 -5.98
N SER A 959 -9.37 14.19 -7.15
CA SER A 959 -8.57 14.52 -8.32
C SER A 959 -9.48 14.74 -9.50
N GLN A 960 -9.00 15.53 -10.46
CA GLN A 960 -9.79 15.83 -11.64
C GLN A 960 -10.09 14.58 -12.46
N SER A 961 -9.09 13.69 -12.59
CA SER A 961 -9.32 12.44 -13.31
C SER A 961 -10.38 11.59 -12.64
N GLN A 962 -10.30 11.46 -11.31
CA GLN A 962 -11.34 10.72 -10.59
C GLN A 962 -12.68 11.43 -10.67
N ASN A 963 -12.67 12.76 -10.67
CA ASN A 963 -13.91 13.51 -10.88
C ASN A 963 -14.48 13.24 -12.25
N SER A 964 -13.62 13.15 -13.27
CA SER A 964 -14.10 12.85 -14.62
C SER A 964 -14.69 11.44 -14.69
N ARG A 965 -14.04 10.46 -14.06
CA ARG A 965 -14.56 9.10 -14.05
C ARG A 965 -15.89 9.02 -13.31
N GLN A 966 -15.99 9.73 -12.18
CA GLN A 966 -17.25 9.76 -11.43
C GLN A 966 -18.35 10.43 -12.24
N ARG A 967 -18.00 11.48 -12.98
CA ARG A 967 -18.97 12.12 -13.86
C ARG A 967 -19.44 11.17 -14.96
N LEU A 968 -18.51 10.37 -15.50
CA LEU A 968 -18.90 9.38 -16.50
C LEU A 968 -19.85 8.35 -15.91
N ILE A 969 -19.58 7.90 -14.68
CA ILE A 969 -20.48 6.99 -13.98
C ILE A 969 -21.86 7.64 -13.84
N ASP A 970 -21.90 8.91 -13.45
CA ASP A 970 -23.17 9.60 -13.27
C ASP A 970 -23.93 9.76 -14.57
N ASP A 971 -23.23 10.05 -15.67
CA ASP A 971 -23.92 10.15 -16.96
C ASP A 971 -24.47 8.79 -17.38
N PHE A 972 -23.73 7.71 -17.10
CA PHE A 972 -24.25 6.38 -17.39
C PHE A 972 -25.50 6.09 -16.57
N GLN A 973 -25.46 6.39 -15.27
CA GLN A 973 -26.57 6.04 -14.39
C GLN A 973 -27.79 6.92 -14.60
N ALA A 974 -27.58 8.16 -15.05
CA ALA A 974 -28.69 9.11 -15.15
C ALA A 974 -29.56 8.84 -16.36
N GLN A 975 -28.98 8.40 -17.47
CA GLN A 975 -29.72 8.23 -18.70
C GLN A 975 -30.73 7.10 -18.54
N PRO A 976 -32.03 7.36 -18.67
CA PRO A 976 -33.02 6.29 -18.45
C PRO A 976 -33.04 5.30 -19.61
N GLY A 977 -33.16 4.03 -19.27
CA GLY A 977 -33.30 2.97 -20.24
C GLY A 977 -32.10 2.04 -20.26
N PHE A 978 -32.03 1.24 -21.32
CA PHE A 978 -30.97 0.25 -21.47
C PHE A 978 -29.64 0.93 -21.72
N GLY A 979 -28.60 0.42 -21.06
CA GLY A 979 -27.27 0.95 -21.22
C GLY A 979 -26.24 -0.03 -20.72
N VAL A 980 -25.04 0.04 -21.30
CA VAL A 980 -23.95 -0.86 -20.96
C VAL A 980 -22.72 -0.03 -20.62
N ILE A 981 -22.02 -0.43 -19.57
CA ILE A 981 -20.74 0.17 -19.20
C ILE A 981 -19.73 -0.93 -19.02
N ILE A 982 -18.51 -0.70 -19.50
CA ILE A 982 -17.41 -1.65 -19.39
C ILE A 982 -16.46 -1.13 -18.32
N LEU A 983 -16.31 -1.90 -17.24
CA LEU A 983 -15.48 -1.50 -16.12
C LEU A 983 -14.44 -2.58 -15.84
N SER A 984 -13.35 -2.17 -15.19
CA SER A 984 -12.33 -3.10 -14.74
C SER A 984 -12.59 -3.47 -13.28
N THR A 985 -12.30 -4.71 -12.93
CA THR A 985 -12.52 -5.17 -11.57
C THR A 985 -11.55 -4.56 -10.57
N VAL A 986 -10.50 -3.90 -11.03
CA VAL A 986 -9.51 -3.31 -10.13
C VAL A 986 -10.11 -2.07 -9.47
N ALA A 987 -9.91 -1.96 -8.16
CA ALA A 987 -10.41 -0.82 -7.40
C ALA A 987 -9.51 -0.65 -6.18
N VAL A 988 -8.61 0.33 -6.23
CA VAL A 988 -7.69 0.55 -5.12
C VAL A 988 -8.44 1.02 -3.87
N GLY A 989 -9.62 1.61 -4.04
CA GLY A 989 -10.39 2.06 -2.90
C GLY A 989 -11.87 2.14 -3.24
N PHE A 990 -12.68 2.11 -2.19
CA PHE A 990 -14.13 2.18 -2.36
C PHE A 990 -14.57 3.62 -2.55
N GLY A 991 -15.81 3.78 -3.04
CA GLY A 991 -16.37 5.10 -3.25
C GLY A 991 -17.11 5.22 -4.57
N VAL A 992 -16.69 4.44 -5.56
CA VAL A 992 -17.30 4.47 -6.88
C VAL A 992 -18.44 3.44 -6.89
N ASN A 993 -19.62 3.88 -7.30
CA ASN A 993 -20.83 3.08 -7.17
C ASN A 993 -21.62 3.05 -8.48
N VAL A 994 -22.18 1.88 -8.80
CA VAL A 994 -23.13 1.73 -9.90
C VAL A 994 -24.28 0.87 -9.38
N GLN A 995 -25.35 1.51 -8.88
CA GLN A 995 -26.53 0.76 -8.47
C GLN A 995 -27.63 0.75 -9.50
N LYS A 996 -27.66 1.73 -10.41
CA LYS A 996 -28.70 1.77 -11.43
C LYS A 996 -28.61 0.61 -12.40
N ALA A 997 -27.50 -0.11 -12.40
CA ALA A 997 -27.34 -1.32 -13.19
C ALA A 997 -27.48 -2.53 -12.29
N ASN A 998 -28.33 -3.48 -12.70
CA ASN A 998 -28.40 -4.79 -12.04
C ASN A 998 -28.24 -5.86 -13.11
N HIS A 999 -27.01 -6.00 -13.60
CA HIS A 999 -26.55 -7.07 -14.48
C HIS A 999 -25.03 -7.05 -14.46
N VAL A 1000 -24.42 -8.06 -13.87
CA VAL A 1000 -22.97 -8.07 -13.67
C VAL A 1000 -22.41 -9.21 -14.48
N ILE A 1001 -21.95 -8.91 -15.70
CA ILE A 1001 -21.32 -9.91 -16.56
C ILE A 1001 -19.81 -9.80 -16.35
N HIS A 1002 -19.22 -10.86 -15.81
CA HIS A 1002 -17.77 -10.99 -15.75
C HIS A 1002 -17.33 -11.70 -17.03
N PHE A 1003 -17.10 -10.90 -18.07
CA PHE A 1003 -16.65 -11.47 -19.34
C PHE A 1003 -15.33 -12.20 -19.15
N THR A 1004 -14.39 -11.60 -18.42
CA THR A 1004 -13.21 -12.29 -17.93
C THR A 1004 -13.18 -12.14 -16.42
N ARG A 1005 -12.79 -13.21 -15.73
CA ARG A 1005 -12.84 -13.27 -14.28
C ARG A 1005 -11.45 -13.08 -13.69
N CYS A 1006 -11.42 -12.53 -12.49
CA CYS A 1006 -10.16 -12.40 -11.76
C CYS A 1006 -9.73 -13.76 -11.23
N TRP A 1007 -8.48 -13.82 -10.78
CA TRP A 1007 -7.95 -15.01 -10.13
C TRP A 1007 -8.12 -14.97 -8.62
N ASN A 1008 -8.76 -13.94 -8.10
CA ASN A 1008 -9.04 -13.82 -6.67
C ASN A 1008 -10.55 -13.73 -6.46
N PRO A 1009 -11.17 -14.70 -5.79
CA PRO A 1009 -12.62 -14.60 -5.55
C PRO A 1009 -13.01 -13.38 -4.75
N ALA A 1010 -12.16 -12.93 -3.83
CA ALA A 1010 -12.50 -11.75 -3.03
C ALA A 1010 -12.57 -10.50 -3.91
N LYS A 1011 -11.62 -10.33 -4.82
CA LYS A 1011 -11.64 -9.19 -5.74
C LYS A 1011 -12.85 -9.26 -6.67
N GLU A 1012 -13.19 -10.45 -7.14
CA GLU A 1012 -14.34 -10.62 -8.02
C GLU A 1012 -15.65 -10.33 -7.30
N ASP A 1013 -15.78 -10.77 -6.06
CA ASP A 1013 -16.94 -10.43 -5.25
C ASP A 1013 -16.99 -8.93 -4.96
N GLN A 1014 -15.84 -8.31 -4.76
CA GLN A 1014 -15.78 -6.87 -4.57
C GLN A 1014 -16.29 -6.14 -5.81
N ALA A 1015 -15.88 -6.60 -6.99
CA ALA A 1015 -16.38 -6.00 -8.23
C ALA A 1015 -17.88 -6.21 -8.38
N THR A 1016 -18.37 -7.42 -8.03
CA THR A 1016 -19.81 -7.68 -8.10
C THR A 1016 -20.58 -6.78 -7.14
N ASP A 1017 -20.03 -6.56 -5.94
CA ASP A 1017 -20.69 -5.72 -4.95
C ASP A 1017 -20.43 -4.25 -5.23
N ARG A 1018 -20.64 -3.85 -6.48
CA ARG A 1018 -20.77 -2.46 -6.86
C ARG A 1018 -22.19 -2.16 -7.33
N ALA A 1019 -22.91 -3.16 -7.80
CA ALA A 1019 -24.34 -3.12 -8.05
C ALA A 1019 -25.16 -3.82 -6.98
N TYR A 1020 -24.66 -4.95 -6.47
CA TYR A 1020 -25.29 -5.69 -5.38
C TYR A 1020 -24.88 -5.07 -4.05
N ARG A 1021 -25.39 -3.88 -3.77
CA ARG A 1021 -25.12 -3.23 -2.51
C ARG A 1021 -26.44 -2.83 -1.82
N ILE A 1022 -26.31 -2.13 -0.70
CA ILE A 1022 -27.46 -1.81 0.15
C ILE A 1022 -28.43 -0.88 -0.55
N GLY A 1023 -27.97 -0.06 -1.49
CA GLY A 1023 -28.81 0.84 -2.24
C GLY A 1023 -29.46 0.22 -3.47
N GLN A 1024 -29.26 -1.07 -3.71
CA GLN A 1024 -29.83 -1.74 -4.87
C GLN A 1024 -31.30 -2.06 -4.63
N THR A 1025 -32.14 -1.74 -5.62
CA THR A 1025 -33.57 -2.02 -5.55
C THR A 1025 -33.94 -3.29 -6.28
N LYS A 1026 -33.59 -3.39 -7.56
CA LYS A 1026 -33.95 -4.55 -8.37
C LYS A 1026 -33.02 -5.72 -8.10
N ASN A 1027 -33.44 -6.90 -8.52
CA ASN A 1027 -32.64 -8.10 -8.33
C ASN A 1027 -31.37 -8.02 -9.16
N VAL A 1028 -30.26 -8.49 -8.59
CA VAL A 1028 -28.95 -8.46 -9.25
C VAL A 1028 -28.73 -9.78 -9.94
N TYR A 1029 -28.58 -9.75 -11.27
CA TYR A 1029 -28.26 -10.91 -12.07
C TYR A 1029 -26.76 -10.91 -12.36
N VAL A 1030 -26.07 -11.95 -11.90
CA VAL A 1030 -24.62 -12.04 -12.05
C VAL A 1030 -24.32 -13.14 -13.05
N TYR A 1031 -23.59 -12.79 -14.10
CA TYR A 1031 -23.28 -13.70 -15.19
C TYR A 1031 -21.80 -14.06 -15.13
N TYR A 1032 -21.49 -15.35 -15.26
CA TYR A 1032 -20.13 -15.87 -15.34
C TYR A 1032 -20.01 -16.72 -16.57
N PRO A 1033 -19.92 -16.12 -17.72
CA PRO A 1033 -19.91 -16.83 -19.01
C PRO A 1033 -18.72 -17.74 -19.07
N THR A 1034 -18.99 -19.04 -19.03
CA THR A 1034 -17.93 -20.04 -19.05
C THR A 1034 -18.09 -20.89 -20.29
N VAL A 1035 -17.03 -20.93 -21.10
CA VAL A 1035 -17.05 -21.72 -22.33
C VAL A 1035 -16.63 -23.15 -21.98
N ARG A 1036 -17.54 -24.10 -22.18
CA ARG A 1036 -17.35 -25.49 -21.80
C ARG A 1036 -17.09 -26.33 -23.05
N ASP A 1037 -16.50 -27.51 -22.84
CA ASP A 1037 -16.31 -28.46 -23.92
C ASP A 1037 -16.46 -29.87 -23.36
N THR A 1038 -17.04 -30.76 -24.17
CA THR A 1038 -17.35 -32.11 -23.74
C THR A 1038 -16.14 -33.04 -23.75
N GLU A 1039 -15.01 -32.64 -24.35
CA GLU A 1039 -13.82 -33.48 -24.29
C GLU A 1039 -12.63 -32.85 -23.57
N ILE A 1040 -12.52 -31.52 -23.53
CA ILE A 1040 -11.40 -30.87 -22.86
C ILE A 1040 -11.94 -29.93 -21.78
N THR A 1041 -11.29 -29.93 -20.62
CA THR A 1041 -11.63 -29.01 -19.55
C THR A 1041 -10.90 -27.70 -19.83
N THR A 1042 -11.65 -26.71 -20.32
CA THR A 1042 -11.04 -25.48 -20.77
C THR A 1042 -10.57 -24.62 -19.59
N PHE A 1043 -9.90 -23.53 -19.92
CA PHE A 1043 -9.35 -22.65 -18.90
C PHE A 1043 -10.46 -22.03 -18.06
N GLU A 1044 -11.59 -21.67 -18.68
CA GLU A 1044 -12.66 -21.03 -17.92
C GLU A 1044 -13.37 -22.02 -17.00
N GLU A 1045 -13.51 -23.27 -17.43
CA GLU A 1045 -14.10 -24.28 -16.54
C GLU A 1045 -13.22 -24.50 -15.31
N THR A 1046 -11.92 -24.65 -15.52
CA THR A 1046 -10.99 -24.81 -14.40
C THR A 1046 -10.98 -23.57 -13.52
N LEU A 1047 -11.00 -22.39 -14.13
CA LEU A 1047 -11.02 -21.15 -13.35
C LEU A 1047 -12.31 -21.05 -12.54
N ASP A 1048 -13.44 -21.44 -13.13
CA ASP A 1048 -14.70 -21.41 -12.39
C ASP A 1048 -14.64 -22.35 -11.19
N ASP A 1049 -14.14 -23.57 -11.39
CA ASP A 1049 -14.04 -24.52 -10.29
C ASP A 1049 -13.11 -24.00 -9.20
N LEU A 1050 -11.95 -23.47 -9.60
CA LEU A 1050 -10.99 -22.95 -8.63
C LEU A 1050 -11.57 -21.79 -7.85
N LEU A 1051 -12.24 -20.85 -8.52
CA LEU A 1051 -12.81 -19.70 -7.83
C LEU A 1051 -13.93 -20.13 -6.90
N GLN A 1052 -14.74 -21.10 -7.32
CA GLN A 1052 -15.81 -21.60 -6.45
C GLN A 1052 -15.23 -22.23 -5.18
N ARG A 1053 -14.20 -23.07 -5.33
CA ARG A 1053 -13.60 -23.68 -4.15
C ARG A 1053 -12.91 -22.66 -3.26
N ARG A 1054 -12.21 -21.69 -3.84
CA ARG A 1054 -11.56 -20.66 -3.04
C ARG A 1054 -12.58 -19.78 -2.34
N ARG A 1055 -13.71 -19.49 -2.99
CA ARG A 1055 -14.77 -18.72 -2.33
C ARG A 1055 -15.39 -19.52 -1.19
N ALA A 1056 -15.58 -20.83 -1.38
CA ALA A 1056 -16.09 -21.67 -0.31
C ALA A 1056 -15.14 -21.66 0.88
N LEU A 1057 -13.83 -21.75 0.62
CA LEU A 1057 -12.87 -21.63 1.71
C LEU A 1057 -12.90 -20.24 2.33
N ALA A 1058 -13.07 -19.20 1.51
CA ALA A 1058 -13.08 -17.82 1.97
C ALA A 1058 -14.30 -17.47 2.79
N ARG A 1059 -15.38 -18.25 2.70
CA ARG A 1059 -16.48 -18.07 3.65
C ARG A 1059 -16.03 -18.33 5.08
N ASP A 1060 -14.88 -18.98 5.25
CA ASP A 1060 -14.26 -19.15 6.56
C ASP A 1060 -13.39 -17.94 6.87
N MET A 1061 -13.42 -17.51 8.14
CA MET A 1061 -12.64 -16.36 8.57
C MET A 1061 -11.19 -16.71 8.87
N LEU A 1062 -10.96 -17.90 9.43
CA LEU A 1062 -9.62 -18.31 9.84
C LEU A 1062 -8.78 -18.82 8.68
N CYS A 1063 -9.29 -18.73 7.46
CA CYS A 1063 -8.63 -19.26 6.28
C CYS A 1063 -8.00 -18.14 5.47
N ALA A 1064 -6.73 -18.31 5.12
CA ALA A 1064 -6.03 -17.36 4.28
C ALA A 1064 -6.24 -17.72 2.82
N THR A 1065 -6.78 -16.79 2.04
CA THR A 1065 -7.12 -17.03 0.65
C THR A 1065 -6.31 -16.12 -0.26
N PRO A 1066 -5.19 -16.60 -0.80
CA PRO A 1066 -4.39 -15.79 -1.72
C PRO A 1066 -4.95 -15.88 -3.13
N ASP A 1067 -4.24 -15.25 -4.07
CA ASP A 1067 -4.61 -15.32 -5.46
C ASP A 1067 -4.27 -16.69 -6.04
N LEU A 1068 -4.99 -17.07 -7.09
CA LEU A 1068 -4.67 -18.30 -7.81
C LEU A 1068 -3.35 -18.16 -8.53
N ASN A 1069 -2.56 -19.23 -8.53
CA ASN A 1069 -1.29 -19.27 -9.22
C ASN A 1069 -1.33 -20.34 -10.32
N CYS A 1070 -0.18 -20.55 -10.95
CA CYS A 1070 -0.11 -21.49 -12.08
C CYS A 1070 -0.34 -22.93 -11.63
N ALA A 1071 0.16 -23.28 -10.44
CA ALA A 1071 0.03 -24.67 -9.97
C ALA A 1071 -1.43 -25.07 -9.80
N ASP A 1072 -2.32 -24.09 -9.58
CA ASP A 1072 -3.74 -24.40 -9.51
C ASP A 1072 -4.32 -24.80 -10.85
N PHE A 1073 -3.71 -24.36 -11.96
CA PHE A 1073 -4.20 -24.62 -13.29
C PHE A 1073 -3.47 -25.75 -14.00
N GLU A 1074 -2.64 -26.52 -13.28
CA GLU A 1074 -1.89 -27.59 -13.91
C GLU A 1074 -2.77 -28.73 -14.39
N THR A 1075 -4.03 -28.78 -13.97
CA THR A 1075 -4.95 -29.79 -14.49
C THR A 1075 -5.31 -29.57 -15.95
N ILE A 1076 -5.02 -28.38 -16.50
CA ILE A 1076 -5.27 -28.12 -17.91
C ILE A 1076 -4.35 -28.97 -18.79
N LEU A 1077 -3.09 -29.17 -18.33
CA LEU A 1077 -2.08 -29.79 -19.18
C LEU A 1077 -2.45 -31.23 -19.54
N LYS A 1078 -2.96 -32.00 -18.58
CA LYS A 1078 -3.33 -33.37 -18.87
C LYS A 1078 -4.56 -33.44 -19.77
N GLY A 1079 -5.47 -32.49 -19.65
CA GLY A 1079 -6.68 -32.48 -20.46
C GLY A 1079 -7.64 -31.37 -20.09
#